data_5FTS
#
_entry.id   5FTS
#
_cell.length_a   64.010
_cell.length_b   153.940
_cell.length_c   134.480
_cell.angle_alpha   90.00
_cell.angle_beta   92.37
_cell.angle_gamma   90.00
#
_symmetry.space_group_name_H-M   'C 1 2 1'
#
loop_
_entity.id
_entity.type
_entity.pdbx_description
1 polymer 'GLUCOSE-1-PHOSPHATE THYMIDYLYLTRANSFERASE'
2 non-polymer N-(6-Amino-1-(2-bromobenzyl)-2,4-dioxo-1,2,3,4-tetrahydropyrimidin-5-yl)-N-methylbenzenesulfonamide
3 non-polymer '2-(N-MORPHOLINO)-ETHANESULFONIC ACID'
4 non-polymer 'CHLORIDE ION'
5 water water
#
_entity_poly.entity_id   1
_entity_poly.type   'polypeptide(L)'
_entity_poly.pdbx_seq_one_letter_code
;HHHHHHGSMAMKRKGIILAGGSGTRLHPATLAISKQLLPVYDKPMIYYPLSTLMLAGIREILIISTPQDTPRFQQLLGDG
SNWGLDLQYAVQPSPDGLAQAFLIGESFIGNDLSALVLGDNLYYGHDFHELLGSASQRQTGASVFAYHVLDPERYGVVEF
DQGGKAISLEEKPLEPKSNYAVTGLYFYDQQVVDIARDLKPSPRGELEITDVNRAYLERGQLSVEIMGRGYAWLDTGTHD
SLLEAGQFIATLENRQGLKVACPEEIAYRQKWIDAAQLEKLAAPLAKNGYGQYLKRLLTETVY
;
_entity_poly.pdbx_strand_id   A,B,C,D
#
loop_
_chem_comp.id
_chem_comp.type
_chem_comp.name
_chem_comp.formula
CL non-polymer 'CHLORIDE ION' 'Cl -1'
MES non-polymer '2-(N-MORPHOLINO)-ETHANESULFONIC ACID' 'C6 H13 N O4 S'
P3I non-polymer N-(6-Amino-1-(2-bromobenzyl)-2,4-dioxo-1,2,3,4-tetrahydropyrimidin-5-yl)-N-methylbenzenesulfonamide 'C18 H17 Br N4 O4 S'
#
# COMPACT_ATOMS: atom_id res chain seq x y z
N HIS A 3 27.91 17.26 17.04
CA HIS A 3 27.46 16.94 18.44
C HIS A 3 27.79 15.51 18.90
N HIS A 4 27.57 15.25 20.20
CA HIS A 4 27.96 13.98 20.85
C HIS A 4 26.98 12.80 20.64
N HIS A 5 27.50 11.63 20.21
CA HIS A 5 26.74 10.36 20.14
C HIS A 5 27.20 9.34 21.18
N HIS A 6 26.38 8.33 21.43
CA HIS A 6 26.61 7.38 22.54
C HIS A 6 26.54 5.88 22.18
N LYS A 12 22.33 -4.34 14.96
CA LYS A 12 21.31 -4.88 14.04
C LYS A 12 21.27 -4.32 12.61
N ARG A 13 20.63 -5.11 11.76
CA ARG A 13 20.71 -5.03 10.31
C ARG A 13 19.30 -5.02 9.69
N LYS A 14 19.05 -3.97 8.92
CA LYS A 14 17.80 -3.76 8.25
C LYS A 14 17.96 -4.38 6.86
N GLY A 15 16.85 -4.70 6.24
CA GLY A 15 16.92 -5.30 4.92
C GLY A 15 16.15 -4.46 3.92
N ILE A 16 16.63 -4.49 2.68
CA ILE A 16 15.94 -3.87 1.57
C ILE A 16 15.71 -4.94 0.51
N ILE A 17 14.47 -4.97 -0.01
CA ILE A 17 14.13 -5.76 -1.20
C ILE A 17 13.81 -4.84 -2.34
N LEU A 18 14.60 -4.92 -3.41
CA LEU A 18 14.33 -4.15 -4.63
C LEU A 18 13.51 -4.97 -5.58
N ALA A 19 12.25 -4.56 -5.74
CA ALA A 19 11.26 -5.21 -6.57
C ALA A 19 10.62 -4.18 -7.48
N GLY A 20 11.47 -3.51 -8.28
CA GLY A 20 11.03 -2.46 -9.18
C GLY A 20 10.78 -2.88 -10.62
N GLY A 21 10.90 -1.89 -11.49
CA GLY A 21 10.66 -2.09 -12.90
C GLY A 21 11.73 -3.01 -13.45
N SER A 22 11.31 -4.17 -14.03
CA SER A 22 12.18 -4.89 -15.04
C SER A 22 12.06 -4.28 -16.47
N GLY A 23 11.88 -2.95 -16.53
CA GLY A 23 11.55 -2.26 -17.77
C GLY A 23 10.55 -3.07 -18.60
N THR A 24 10.90 -3.29 -19.87
CA THR A 24 10.06 -4.00 -20.83
C THR A 24 10.60 -5.39 -21.19
N ARG A 25 11.66 -5.81 -20.51
CA ARG A 25 12.34 -7.08 -20.79
C ARG A 25 11.40 -8.28 -21.07
N LEU A 26 10.43 -8.50 -20.19
CA LEU A 26 9.56 -9.66 -20.21
C LEU A 26 8.15 -9.30 -20.69
N HIS A 27 7.97 -8.09 -21.22
CA HIS A 27 6.72 -7.75 -21.90
C HIS A 27 6.50 -8.76 -23.05
N PRO A 28 5.26 -9.24 -23.27
CA PRO A 28 4.02 -8.77 -22.64
C PRO A 28 3.57 -9.46 -21.35
N ALA A 29 4.23 -10.52 -20.93
CA ALA A 29 3.90 -11.20 -19.67
C ALA A 29 3.75 -10.23 -18.49
N THR A 30 4.68 -9.29 -18.38
CA THR A 30 4.74 -8.32 -17.28
C THR A 30 4.05 -6.98 -17.54
N LEU A 31 3.21 -6.89 -18.56
CA LEU A 31 2.49 -5.64 -18.82
C LEU A 31 1.49 -5.26 -17.74
N ALA A 32 0.71 -6.23 -17.27
CA ALA A 32 -0.35 -5.96 -16.25
C ALA A 32 0.10 -5.99 -14.80
N ILE A 33 1.31 -6.47 -14.53
CA ILE A 33 1.75 -6.77 -13.16
C ILE A 33 3.25 -6.99 -13.12
N SER A 34 3.92 -6.44 -12.11
CA SER A 34 5.33 -6.49 -12.11
C SER A 34 5.88 -7.90 -11.81
N LYS A 35 7.09 -8.11 -12.29
CA LYS A 35 7.75 -9.40 -12.25
C LYS A 35 7.72 -10.07 -10.88
N GLN A 36 7.91 -9.27 -9.83
CA GLN A 36 8.15 -9.79 -8.50
C GLN A 36 6.88 -10.24 -7.85
N LEU A 37 5.76 -10.00 -8.50
CA LEU A 37 4.50 -10.61 -8.07
C LEU A 37 4.06 -11.82 -8.90
N LEU A 38 4.80 -12.17 -9.95
CA LEU A 38 4.43 -13.36 -10.73
C LEU A 38 4.75 -14.58 -9.87
N PRO A 39 3.99 -15.68 -10.02
CA PRO A 39 4.29 -16.82 -9.13
C PRO A 39 5.52 -17.62 -9.54
N VAL A 40 6.26 -18.15 -8.55
CA VAL A 40 7.23 -19.19 -8.85
C VAL A 40 6.62 -20.39 -8.19
N TYR A 41 6.08 -21.29 -9.02
CA TYR A 41 5.26 -22.45 -8.60
C TYR A 41 3.99 -22.04 -7.84
N ASP A 42 4.00 -22.06 -6.52
CA ASP A 42 2.78 -21.86 -5.70
C ASP A 42 2.78 -20.56 -4.86
N LYS A 43 3.79 -19.71 -5.04
CA LYS A 43 3.86 -18.53 -4.22
C LYS A 43 4.51 -17.38 -4.98
N PRO A 44 4.10 -16.15 -4.64
CA PRO A 44 4.64 -14.99 -5.41
C PRO A 44 6.16 -14.93 -5.34
N MET A 45 6.80 -14.54 -6.42
CA MET A 45 8.26 -14.48 -6.45
C MET A 45 8.84 -13.74 -5.25
N ILE A 46 8.18 -12.68 -4.77
CA ILE A 46 8.78 -11.86 -3.73
C ILE A 46 8.90 -12.58 -2.41
N TYR A 47 8.12 -13.63 -2.19
CA TYR A 47 8.30 -14.49 -1.02
C TYR A 47 9.69 -15.12 -0.87
N TYR A 48 10.33 -15.42 -1.99
CA TYR A 48 11.60 -16.10 -1.96
C TYR A 48 12.68 -15.17 -1.39
N PRO A 49 12.87 -13.98 -1.96
CA PRO A 49 13.90 -13.12 -1.36
C PRO A 49 13.52 -12.63 0.06
N LEU A 50 12.25 -12.38 0.32
CA LEU A 50 11.77 -12.06 1.67
C LEU A 50 12.19 -13.17 2.61
N SER A 51 11.90 -14.39 2.23
CA SER A 51 12.34 -15.50 3.04
C SER A 51 13.86 -15.52 3.32
N THR A 52 14.64 -15.13 2.32
CA THR A 52 16.09 -15.08 2.40
C THR A 52 16.52 -14.08 3.44
N LEU A 53 15.96 -12.87 3.40
CA LEU A 53 16.22 -11.92 4.50
C LEU A 53 15.76 -12.50 5.81
N MET A 54 14.58 -13.10 5.87
CA MET A 54 14.12 -13.66 7.17
C MET A 54 15.13 -14.67 7.74
N LEU A 55 15.69 -15.45 6.84
CA LEU A 55 16.65 -16.46 7.20
C LEU A 55 17.95 -15.88 7.71
N ALA A 56 18.36 -14.73 7.20
CA ALA A 56 19.48 -13.95 7.78
C ALA A 56 19.20 -13.34 9.21
N GLY A 57 17.99 -13.52 9.76
CA GLY A 57 17.58 -12.92 11.01
C GLY A 57 17.03 -11.49 10.95
N ILE A 58 16.77 -10.98 9.75
CA ILE A 58 16.41 -9.60 9.57
C ILE A 58 14.87 -9.44 9.61
N ARG A 59 14.39 -8.57 10.51
CA ARG A 59 12.94 -8.40 10.74
C ARG A 59 12.41 -7.12 10.19
N GLU A 60 13.28 -6.10 10.03
CA GLU A 60 12.87 -4.79 9.57
C GLU A 60 13.30 -4.62 8.13
N ILE A 61 12.31 -4.43 7.25
CA ILE A 61 12.53 -4.57 5.83
C ILE A 61 11.80 -3.52 5.04
N LEU A 62 12.48 -2.94 4.05
CA LEU A 62 11.89 -1.96 3.17
C LEU A 62 11.73 -2.61 1.82
N ILE A 63 10.51 -2.63 1.31
CA ILE A 63 10.21 -3.05 -0.03
C ILE A 63 10.14 -1.85 -0.98
N ILE A 64 11.01 -1.84 -1.99
CA ILE A 64 11.03 -0.83 -3.02
C ILE A 64 10.34 -1.34 -4.29
N SER A 65 9.27 -0.68 -4.72
CA SER A 65 8.58 -1.07 -5.94
C SER A 65 8.25 0.16 -6.79
N THR A 66 7.66 -0.07 -7.94
CA THR A 66 7.19 1.01 -8.76
C THR A 66 6.00 1.67 -8.08
N PRO A 67 5.75 2.95 -8.40
CA PRO A 67 4.56 3.64 -7.86
C PRO A 67 3.27 2.89 -8.11
N GLN A 68 3.13 2.37 -9.34
CA GLN A 68 1.97 1.58 -9.82
C GLN A 68 1.74 0.32 -9.01
N ASP A 69 2.81 -0.38 -8.61
CA ASP A 69 2.66 -1.69 -7.99
C ASP A 69 2.82 -1.76 -6.47
N THR A 70 3.14 -0.64 -5.83
CA THR A 70 3.27 -0.62 -4.36
C THR A 70 2.03 -1.12 -3.63
N PRO A 71 0.82 -0.62 -3.98
CA PRO A 71 -0.43 -1.13 -3.38
C PRO A 71 -0.62 -2.63 -3.36
N ARG A 72 -0.15 -3.27 -4.44
CA ARG A 72 -0.21 -4.69 -4.59
C ARG A 72 0.79 -5.43 -3.72
N PHE A 73 2.02 -4.93 -3.61
CA PHE A 73 2.93 -5.44 -2.58
C PHE A 73 2.31 -5.30 -1.19
N GLN A 74 1.75 -4.12 -0.92
CA GLN A 74 1.10 -3.87 0.38
C GLN A 74 -0.09 -4.79 0.65
N GLN A 75 -0.80 -5.17 -0.40
CA GLN A 75 -2.03 -5.96 -0.22
C GLN A 75 -1.62 -7.38 0.12
N LEU A 76 -0.59 -7.84 -0.58
CA LEU A 76 0.00 -9.14 -0.34
C LEU A 76 0.64 -9.24 1.04
N LEU A 77 1.45 -8.25 1.40
CA LEU A 77 2.37 -8.36 2.54
C LEU A 77 2.00 -7.60 3.81
N GLY A 78 1.23 -6.55 3.65
CA GLY A 78 0.82 -5.76 4.78
C GLY A 78 2.01 -5.10 5.41
N ASP A 79 1.94 -4.93 6.72
CA ASP A 79 2.99 -4.25 7.50
C ASP A 79 3.93 -5.23 8.14
N GLY A 80 3.80 -6.52 7.84
CA GLY A 80 4.64 -7.58 8.39
C GLY A 80 4.20 -8.18 9.73
N SER A 81 3.29 -7.49 10.43
CA SER A 81 2.94 -7.82 11.79
C SER A 81 2.42 -9.24 11.89
N ASN A 82 1.72 -9.72 10.88
CA ASN A 82 1.22 -11.11 10.92
C ASN A 82 2.31 -12.18 10.96
N TRP A 83 3.51 -11.81 10.55
CA TRP A 83 4.63 -12.72 10.44
C TRP A 83 5.79 -12.26 11.30
N GLY A 84 5.54 -11.38 12.27
CA GLY A 84 6.61 -11.02 13.23
C GLY A 84 7.67 -10.06 12.69
N LEU A 85 7.30 -9.30 11.67
CA LEU A 85 8.21 -8.42 10.96
C LEU A 85 7.64 -7.02 10.94
N ASP A 86 8.45 -6.09 10.49
CA ASP A 86 7.95 -4.78 10.15
C ASP A 86 8.33 -4.39 8.73
N LEU A 87 7.32 -4.20 7.88
CA LEU A 87 7.56 -3.92 6.48
C LEU A 87 7.26 -2.47 6.20
N GLN A 88 8.17 -1.74 5.56
CA GLN A 88 7.84 -0.43 5.05
C GLN A 88 7.98 -0.44 3.55
N TYR A 89 7.37 0.55 2.92
CA TYR A 89 7.29 0.64 1.47
C TYR A 89 7.94 1.93 0.96
N ALA A 90 8.59 1.87 -0.20
CA ALA A 90 9.10 3.07 -0.87
C ALA A 90 8.97 2.83 -2.37
N VAL A 91 9.03 3.90 -3.16
CA VAL A 91 8.78 3.74 -4.57
C VAL A 91 10.05 4.07 -5.31
N GLN A 92 10.19 3.54 -6.52
CA GLN A 92 11.30 3.90 -7.38
C GLN A 92 10.65 4.34 -8.69
N PRO A 93 10.47 5.65 -8.88
CA PRO A 93 9.76 6.11 -10.09
C PRO A 93 10.44 5.77 -11.46
N SER A 94 11.77 5.82 -11.50
CA SER A 94 12.53 5.48 -12.69
C SER A 94 13.58 4.41 -12.34
N PRO A 95 13.67 3.33 -13.14
CA PRO A 95 14.65 2.31 -12.81
C PRO A 95 16.06 2.81 -13.13
N ASP A 96 16.67 3.51 -12.16
CA ASP A 96 17.98 4.12 -12.32
C ASP A 96 19.13 3.26 -11.78
N GLY A 97 18.89 1.98 -11.50
CA GLY A 97 19.96 1.09 -11.02
C GLY A 97 19.75 0.65 -9.59
N LEU A 98 20.46 -0.40 -9.21
CA LEU A 98 20.28 -1.07 -7.92
C LEU A 98 20.85 -0.25 -6.76
N ALA A 99 21.96 0.46 -6.99
CA ALA A 99 22.59 1.26 -5.94
C ALA A 99 21.69 2.35 -5.50
N GLN A 100 20.74 2.75 -6.35
CA GLN A 100 19.70 3.69 -5.95
C GLN A 100 18.88 3.28 -4.73
N ALA A 101 18.85 1.98 -4.38
CA ALA A 101 18.15 1.53 -3.19
C ALA A 101 18.63 2.23 -1.93
N PHE A 102 19.91 2.56 -1.91
CA PHE A 102 20.52 3.21 -0.74
C PHE A 102 20.14 4.68 -0.54
N LEU A 103 19.79 5.35 -1.64
CA LEU A 103 19.31 6.73 -1.59
C LEU A 103 17.83 6.75 -1.27
N ILE A 104 17.10 5.92 -1.98
CA ILE A 104 15.70 5.75 -1.69
C ILE A 104 15.52 5.31 -0.25
N GLY A 105 16.37 4.39 0.22
CA GLY A 105 16.26 3.81 1.55
C GLY A 105 17.09 4.43 2.64
N GLU A 106 17.63 5.63 2.39
CA GLU A 106 18.57 6.31 3.29
C GLU A 106 18.00 6.60 4.65
N SER A 107 16.84 7.23 4.69
CA SER A 107 16.10 7.46 5.97
C SER A 107 15.69 6.16 6.65
N PHE A 108 15.23 5.18 5.88
CA PHE A 108 14.94 3.81 6.43
C PHE A 108 16.16 3.14 7.13
N ILE A 109 17.31 3.16 6.46
CA ILE A 109 18.52 2.57 6.99
C ILE A 109 19.04 3.30 8.28
N GLY A 110 18.95 4.63 8.30
CA GLY A 110 19.56 5.40 9.35
C GLY A 110 21.04 5.10 9.56
N ASN A 111 21.38 4.78 10.79
CA ASN A 111 22.75 4.55 11.22
C ASN A 111 22.98 3.03 11.39
N ASP A 112 22.10 2.22 10.78
CA ASP A 112 22.21 0.76 10.87
C ASP A 112 23.00 0.06 9.75
N LEU A 113 23.32 -1.21 10.00
CA LEU A 113 23.82 -2.14 9.00
C LEU A 113 22.66 -2.50 8.04
N SER A 114 22.96 -2.94 6.84
CA SER A 114 21.93 -3.23 5.88
C SER A 114 22.16 -4.53 5.09
N ALA A 115 21.11 -4.93 4.38
CA ALA A 115 21.21 -6.03 3.43
C ALA A 115 20.28 -5.75 2.29
N LEU A 116 20.83 -5.82 1.07
CA LEU A 116 20.04 -5.64 -0.12
C LEU A 116 19.78 -7.00 -0.81
N VAL A 117 18.53 -7.26 -1.15
CA VAL A 117 18.25 -8.42 -1.90
C VAL A 117 17.42 -8.05 -3.12
N LEU A 118 17.77 -8.62 -4.25
CA LEU A 118 16.93 -8.48 -5.41
C LEU A 118 15.63 -9.30 -5.24
N GLY A 119 14.54 -8.65 -5.63
CA GLY A 119 13.21 -9.21 -5.49
C GLY A 119 12.90 -10.32 -6.49
N ASP A 120 13.83 -10.62 -7.43
CA ASP A 120 13.70 -11.74 -8.36
C ASP A 120 14.75 -12.87 -8.24
N ASN A 121 15.36 -12.97 -7.07
CA ASN A 121 16.47 -13.88 -6.81
C ASN A 121 16.06 -14.95 -5.80
N LEU A 122 16.13 -16.21 -6.24
CA LEU A 122 15.75 -17.36 -5.45
C LEU A 122 17.03 -18.11 -5.11
N TYR A 123 17.07 -18.60 -3.87
CA TYR A 123 18.16 -19.41 -3.33
C TYR A 123 17.58 -20.68 -2.74
N TYR A 124 18.31 -21.77 -2.86
CA TYR A 124 17.99 -23.00 -2.14
C TYR A 124 19.24 -23.76 -1.79
N GLY A 125 19.23 -24.35 -0.59
CA GLY A 125 20.25 -25.30 -0.19
C GLY A 125 20.48 -25.42 1.29
N HIS A 126 21.44 -26.29 1.60
CA HIS A 126 21.69 -26.78 2.95
C HIS A 126 22.61 -25.87 3.72
N ASP A 127 22.32 -25.68 5.00
CA ASP A 127 23.09 -24.81 5.89
C ASP A 127 23.10 -23.39 5.29
N PHE A 128 22.02 -23.03 4.62
CA PHE A 128 21.94 -21.73 3.96
C PHE A 128 21.78 -20.67 5.04
N HIS A 129 20.98 -20.99 6.05
CA HIS A 129 20.92 -20.23 7.32
C HIS A 129 22.29 -19.86 7.91
N GLU A 130 23.21 -20.83 7.94
CA GLU A 130 24.55 -20.66 8.49
C GLU A 130 25.42 -19.82 7.57
N LEU A 131 25.44 -20.11 6.28
CA LEU A 131 26.08 -19.22 5.30
C LEU A 131 25.60 -17.73 5.35
N LEU A 132 24.30 -17.49 5.54
CA LEU A 132 23.85 -16.12 5.78
C LEU A 132 24.26 -15.58 7.18
N GLY A 133 24.34 -16.46 8.18
CA GLY A 133 24.69 -16.07 9.54
C GLY A 133 26.06 -15.45 9.64
N SER A 134 27.01 -16.00 8.88
CA SER A 134 28.40 -15.56 8.93
C SER A 134 28.62 -14.23 8.22
N ALA A 135 27.79 -13.92 7.21
CA ALA A 135 27.87 -12.63 6.53
C ALA A 135 27.15 -11.57 7.37
N SER A 136 26.03 -11.96 7.97
CA SER A 136 25.21 -11.05 8.79
C SER A 136 26.03 -10.60 10.02
N GLN A 137 26.80 -11.51 10.60
CA GLN A 137 27.58 -11.22 11.83
C GLN A 137 28.93 -10.53 11.54
N ARG A 138 29.36 -10.46 10.29
CA ARG A 138 30.50 -9.60 9.91
C ARG A 138 30.06 -8.10 9.91
N GLN A 139 30.41 -7.39 10.97
CA GLN A 139 29.85 -6.04 11.23
C GLN A 139 30.46 -4.85 10.54
N THR A 140 31.63 -5.01 9.91
CA THR A 140 32.13 -3.95 9.03
C THR A 140 32.43 -4.47 7.66
N GLY A 141 32.56 -3.54 6.73
CA GLY A 141 32.73 -3.89 5.35
C GLY A 141 31.45 -4.47 4.77
N ALA A 142 31.60 -5.08 3.60
CA ALA A 142 30.53 -5.65 2.81
C ALA A 142 30.80 -7.12 2.59
N SER A 143 29.74 -7.92 2.53
CA SER A 143 29.87 -9.31 2.05
C SER A 143 29.00 -9.56 0.82
N VAL A 144 29.56 -10.24 -0.18
CA VAL A 144 28.80 -10.71 -1.33
C VAL A 144 28.98 -12.22 -1.49
N PHE A 145 28.28 -12.82 -2.44
CA PHE A 145 28.43 -14.26 -2.69
C PHE A 145 28.70 -14.47 -4.15
N ALA A 146 29.65 -15.33 -4.47
CA ALA A 146 30.09 -15.59 -5.81
C ALA A 146 29.63 -16.99 -6.13
N TYR A 147 29.00 -17.16 -7.28
CA TYR A 147 28.46 -18.44 -7.70
C TYR A 147 28.85 -18.78 -9.14
N HIS A 148 29.20 -20.03 -9.38
CA HIS A 148 29.66 -20.48 -10.67
C HIS A 148 28.45 -20.60 -11.58
N VAL A 149 28.48 -19.87 -12.70
CA VAL A 149 27.37 -19.83 -13.64
C VAL A 149 27.88 -20.14 -15.03
N LEU A 150 26.98 -20.61 -15.89
CA LEU A 150 27.32 -20.84 -17.28
C LEU A 150 27.58 -19.54 -18.06
N ASP A 151 26.93 -18.44 -17.66
CA ASP A 151 26.92 -17.21 -18.46
C ASP A 151 27.35 -15.99 -17.64
N PRO A 152 28.57 -16.00 -17.08
CA PRO A 152 29.11 -14.89 -16.30
C PRO A 152 28.99 -13.55 -16.92
N GLU A 153 29.10 -13.49 -18.25
CA GLU A 153 29.00 -12.23 -19.01
C GLU A 153 27.75 -11.41 -18.70
N ARG A 154 26.74 -12.04 -18.08
CA ARG A 154 25.49 -11.33 -17.74
C ARG A 154 25.52 -10.69 -16.40
N TYR A 155 26.59 -10.90 -15.64
CA TYR A 155 26.62 -10.55 -14.23
C TYR A 155 27.84 -9.73 -13.87
N GLY A 156 27.90 -9.31 -12.63
CA GLY A 156 29.15 -8.85 -12.03
C GLY A 156 29.99 -10.07 -11.83
N VAL A 157 31.27 -10.01 -12.25
CA VAL A 157 32.19 -11.11 -12.16
C VAL A 157 33.37 -10.85 -11.23
N VAL A 158 33.70 -11.85 -10.42
CA VAL A 158 34.81 -11.79 -9.48
C VAL A 158 35.97 -12.53 -10.09
N GLU A 159 37.13 -11.89 -10.11
CA GLU A 159 38.39 -12.53 -10.48
C GLU A 159 39.17 -12.83 -9.21
N PHE A 160 39.66 -14.05 -9.09
CA PHE A 160 40.45 -14.43 -7.93
C PHE A 160 41.89 -14.64 -8.36
N ASP A 161 42.83 -14.38 -7.45
CA ASP A 161 44.23 -14.79 -7.65
C ASP A 161 44.38 -16.24 -7.14
N GLN A 162 45.58 -16.79 -7.32
CA GLN A 162 45.84 -18.20 -7.08
C GLN A 162 45.69 -18.63 -5.61
N GLY A 163 45.80 -17.66 -4.70
CA GLY A 163 45.40 -17.87 -3.30
C GLY A 163 43.90 -17.90 -3.02
N GLY A 164 43.06 -17.80 -4.04
CA GLY A 164 41.63 -17.66 -3.85
C GLY A 164 41.13 -16.29 -3.39
N LYS A 165 41.94 -15.24 -3.50
CA LYS A 165 41.56 -13.90 -3.00
C LYS A 165 40.92 -13.08 -4.10
N ALA A 166 39.83 -12.40 -3.79
CA ALA A 166 39.16 -11.50 -4.74
C ALA A 166 40.05 -10.32 -5.08
N ILE A 167 40.31 -10.09 -6.36
CA ILE A 167 41.17 -8.98 -6.76
C ILE A 167 40.59 -7.99 -7.77
N SER A 168 39.57 -8.39 -8.53
CA SER A 168 38.80 -7.45 -9.34
C SER A 168 37.35 -7.85 -9.47
N LEU A 169 36.56 -6.85 -9.87
CA LEU A 169 35.15 -6.98 -10.13
C LEU A 169 34.85 -6.30 -11.42
N GLU A 170 34.09 -6.94 -12.30
CA GLU A 170 33.73 -6.29 -13.57
C GLU A 170 32.28 -6.53 -13.86
N GLU A 171 31.51 -5.50 -14.15
CA GLU A 171 30.10 -5.65 -14.56
C GLU A 171 29.91 -6.03 -16.06
N LYS A 172 29.34 -7.20 -16.30
CA LYS A 172 29.00 -7.68 -17.64
C LYS A 172 30.16 -7.67 -18.63
N PRO A 173 31.31 -8.18 -18.21
CA PRO A 173 32.43 -8.18 -19.14
C PRO A 173 32.17 -9.14 -20.30
N LEU A 174 32.51 -8.67 -21.48
CA LEU A 174 32.55 -9.51 -22.66
C LEU A 174 33.41 -10.76 -22.57
N GLU A 175 34.54 -10.68 -21.85
CA GLU A 175 35.41 -11.83 -21.66
C GLU A 175 35.62 -11.96 -20.14
N PRO A 176 34.70 -12.68 -19.51
CA PRO A 176 34.79 -12.85 -18.07
C PRO A 176 36.11 -13.44 -17.63
N LYS A 177 36.60 -12.94 -16.52
CA LYS A 177 37.81 -13.48 -15.93
C LYS A 177 37.65 -14.82 -15.22
N SER A 178 36.41 -15.13 -14.85
CA SER A 178 36.06 -16.42 -14.22
C SER A 178 34.60 -16.62 -14.52
N ASN A 179 34.09 -17.77 -14.10
CA ASN A 179 32.67 -18.05 -14.15
C ASN A 179 31.92 -17.70 -12.84
N TYR A 180 32.57 -16.95 -11.95
CA TYR A 180 31.99 -16.61 -10.65
C TYR A 180 31.27 -15.27 -10.71
N ALA A 181 29.94 -15.36 -10.84
CA ALA A 181 29.04 -14.24 -10.78
C ALA A 181 28.66 -13.91 -9.34
N VAL A 182 28.50 -12.61 -9.09
CA VAL A 182 28.05 -12.06 -7.79
C VAL A 182 26.51 -12.20 -7.72
N THR A 183 26.05 -12.91 -6.70
CA THR A 183 24.61 -13.22 -6.60
C THR A 183 23.92 -11.95 -6.13
N GLY A 184 22.60 -11.88 -6.28
CA GLY A 184 21.84 -10.68 -5.90
C GLY A 184 21.48 -10.52 -4.43
N LEU A 185 22.47 -10.68 -3.55
CA LEU A 185 22.27 -10.57 -2.14
C LEU A 185 23.50 -9.93 -1.58
N TYR A 186 23.36 -8.81 -0.87
CA TYR A 186 24.49 -7.96 -0.50
C TYR A 186 24.35 -7.48 0.96
N PHE A 187 25.40 -7.63 1.76
CA PHE A 187 25.40 -7.20 3.14
C PHE A 187 26.32 -6.00 3.31
N TYR A 188 25.86 -4.92 3.94
CA TYR A 188 26.66 -3.68 4.06
C TYR A 188 26.80 -3.11 5.49
N ASP A 189 27.88 -2.40 5.74
CA ASP A 189 28.09 -1.67 6.99
C ASP A 189 27.50 -0.27 6.81
N GLN A 190 27.85 0.68 7.69
CA GLN A 190 27.25 2.02 7.68
C GLN A 190 27.80 2.93 6.61
N GLN A 191 28.78 2.47 5.80
CA GLN A 191 29.39 3.29 4.71
C GLN A 191 28.67 3.25 3.36
N VAL A 192 27.70 2.35 3.20
CA VAL A 192 27.12 2.16 1.90
C VAL A 192 26.32 3.39 1.43
N VAL A 193 25.56 4.02 2.32
CA VAL A 193 24.80 5.16 1.87
C VAL A 193 25.73 6.25 1.26
N ASP A 194 26.82 6.59 1.96
CA ASP A 194 27.77 7.59 1.50
C ASP A 194 28.45 7.14 0.20
N ILE A 195 28.90 5.89 0.12
CA ILE A 195 29.41 5.37 -1.15
C ILE A 195 28.40 5.58 -2.31
N ALA A 196 27.11 5.31 -2.05
CA ALA A 196 26.06 5.37 -3.07
C ALA A 196 25.75 6.80 -3.58
N ARG A 197 25.70 7.76 -2.65
CA ARG A 197 25.52 9.19 -2.98
C ARG A 197 26.59 9.73 -3.94
N ASP A 198 27.83 9.25 -3.80
CA ASP A 198 28.95 9.70 -4.63
C ASP A 198 29.02 9.06 -6.03
N LEU A 199 28.32 7.95 -6.26
CA LEU A 199 28.38 7.30 -7.57
C LEU A 199 27.93 8.20 -8.72
N LYS A 200 28.57 8.06 -9.88
CA LYS A 200 28.12 8.72 -11.12
C LYS A 200 27.43 7.66 -11.96
N PRO A 201 26.30 7.99 -12.66
CA PRO A 201 25.67 6.95 -13.52
C PRO A 201 26.65 6.33 -14.52
N SER A 202 26.52 5.03 -14.74
CA SER A 202 27.29 4.36 -15.78
C SER A 202 26.84 4.88 -17.13
N PRO A 203 27.58 4.56 -18.21
CA PRO A 203 27.10 4.89 -19.55
C PRO A 203 25.70 4.30 -19.90
N ARG A 204 25.30 3.21 -19.23
CA ARG A 204 23.94 2.64 -19.34
C ARG A 204 22.84 3.48 -18.68
N GLY A 205 23.20 4.62 -18.07
CA GLY A 205 22.24 5.48 -17.37
C GLY A 205 21.76 4.86 -16.06
N GLU A 206 22.68 4.19 -15.34
CA GLU A 206 22.37 3.38 -14.14
C GLU A 206 23.42 3.53 -13.03
N LEU A 207 22.95 3.63 -11.79
CA LEU A 207 23.79 3.56 -10.60
C LEU A 207 24.09 2.10 -10.23
N GLU A 208 25.36 1.70 -10.31
CA GLU A 208 25.74 0.31 -10.42
C GLU A 208 26.11 -0.29 -9.07
N ILE A 209 25.46 -1.40 -8.70
CA ILE A 209 25.82 -2.06 -7.46
C ILE A 209 27.26 -2.51 -7.46
N THR A 210 27.75 -2.94 -8.61
CA THR A 210 29.13 -3.33 -8.76
C THR A 210 30.13 -2.19 -8.45
N ASP A 211 29.81 -0.95 -8.82
CA ASP A 211 30.65 0.20 -8.40
C ASP A 211 30.74 0.29 -6.88
N VAL A 212 29.64 -0.03 -6.20
CA VAL A 212 29.59 -0.01 -4.76
C VAL A 212 30.51 -1.06 -4.19
N ASN A 213 30.37 -2.27 -4.69
CA ASN A 213 31.20 -3.37 -4.21
C ASN A 213 32.69 -3.06 -4.56
N ARG A 214 32.97 -2.44 -5.71
CA ARG A 214 34.39 -2.08 -6.00
C ARG A 214 34.98 -1.07 -4.99
N ALA A 215 34.18 -0.13 -4.52
CA ALA A 215 34.63 0.79 -3.48
C ALA A 215 35.04 0.02 -2.26
N TYR A 216 34.20 -0.93 -1.84
CA TYR A 216 34.56 -1.75 -0.69
C TYR A 216 35.83 -2.59 -0.95
N LEU A 217 35.99 -3.08 -2.17
CA LEU A 217 37.16 -3.88 -2.55
C LEU A 217 38.47 -3.07 -2.45
N GLU A 218 38.43 -1.88 -3.06
CA GLU A 218 39.55 -0.94 -3.06
C GLU A 218 39.97 -0.51 -1.64
N ARG A 219 39.05 -0.48 -0.67
CA ARG A 219 39.39 -0.23 0.74
C ARG A 219 39.72 -1.50 1.49
N GLY A 220 39.81 -2.65 0.81
CA GLY A 220 40.06 -3.92 1.51
C GLY A 220 38.99 -4.36 2.49
N GLN A 221 37.74 -3.98 2.23
CA GLN A 221 36.68 -4.39 3.15
C GLN A 221 35.58 -5.21 2.46
N LEU A 222 35.96 -5.96 1.43
CA LEU A 222 35.00 -6.79 0.72
C LEU A 222 35.36 -8.23 0.93
N SER A 223 34.57 -8.92 1.75
CA SER A 223 34.51 -10.38 1.76
C SER A 223 33.61 -10.92 0.60
N VAL A 224 34.21 -11.73 -0.26
CA VAL A 224 33.51 -12.55 -1.21
C VAL A 224 33.54 -14.00 -0.69
N GLU A 225 32.38 -14.55 -0.41
CA GLU A 225 32.29 -15.96 -0.07
C GLU A 225 31.76 -16.78 -1.23
N ILE A 226 32.28 -17.99 -1.37
CA ILE A 226 31.78 -18.85 -2.42
C ILE A 226 30.45 -19.43 -1.96
N MET A 227 29.43 -19.35 -2.81
CA MET A 227 28.21 -20.12 -2.62
C MET A 227 28.44 -21.34 -3.46
N GLY A 228 28.62 -22.48 -2.80
CA GLY A 228 28.98 -23.70 -3.49
C GLY A 228 28.04 -24.21 -4.55
N ARG A 229 28.54 -25.12 -5.38
CA ARG A 229 27.72 -25.79 -6.41
C ARG A 229 26.54 -26.57 -5.81
N GLY A 230 26.63 -26.98 -4.55
CA GLY A 230 25.54 -27.66 -3.86
C GLY A 230 24.38 -26.74 -3.49
N TYR A 231 24.49 -25.44 -3.75
CA TYR A 231 23.38 -24.47 -3.67
C TYR A 231 22.84 -24.21 -5.02
N ALA A 232 21.53 -23.94 -5.07
CA ALA A 232 20.91 -23.48 -6.30
C ALA A 232 20.65 -22.01 -6.15
N TRP A 233 21.18 -21.20 -7.08
CA TRP A 233 20.85 -19.79 -7.17
C TRP A 233 20.12 -19.72 -8.49
N LEU A 234 18.80 -19.51 -8.49
CA LEU A 234 18.00 -19.73 -9.73
C LEU A 234 17.81 -18.50 -10.62
N ASP A 235 17.65 -18.81 -11.91
CA ASP A 235 17.62 -17.79 -12.92
C ASP A 235 16.15 -17.41 -13.12
N THR A 236 15.86 -16.12 -12.97
CA THR A 236 14.56 -15.54 -13.27
C THR A 236 14.57 -14.47 -14.40
N GLY A 237 15.67 -14.40 -15.14
CA GLY A 237 15.82 -13.40 -16.14
C GLY A 237 15.03 -13.56 -17.43
N THR A 238 14.58 -14.77 -17.73
CA THR A 238 13.88 -15.02 -19.00
C THR A 238 12.61 -15.80 -18.72
N HIS A 239 11.71 -15.84 -19.69
CA HIS A 239 10.52 -16.71 -19.61
C HIS A 239 10.90 -18.19 -19.43
N ASP A 240 11.94 -18.62 -20.14
CA ASP A 240 12.49 -19.99 -19.97
C ASP A 240 12.98 -20.28 -18.56
N SER A 241 13.84 -19.40 -18.04
CA SER A 241 14.45 -19.67 -16.76
C SER A 241 13.40 -19.64 -15.64
N LEU A 242 12.41 -18.76 -15.78
CA LEU A 242 11.27 -18.63 -14.85
C LEU A 242 10.45 -19.89 -14.73
N LEU A 243 10.14 -20.47 -15.88
CA LEU A 243 9.48 -21.73 -15.96
C LEU A 243 10.29 -22.81 -15.26
N GLU A 244 11.58 -22.87 -15.52
CA GLU A 244 12.48 -23.80 -14.85
C GLU A 244 12.53 -23.60 -13.37
N ALA A 245 12.52 -22.34 -12.95
CA ALA A 245 12.48 -22.03 -11.52
C ALA A 245 11.20 -22.61 -10.87
N GLY A 246 10.04 -22.44 -11.50
CA GLY A 246 8.81 -23.11 -10.98
C GLY A 246 8.87 -24.65 -10.93
N GLN A 247 9.47 -25.25 -11.94
CA GLN A 247 9.65 -26.71 -12.01
CA GLN A 247 9.61 -26.72 -11.99
C GLN A 247 10.57 -27.18 -10.89
N PHE A 248 11.62 -26.39 -10.66
CA PHE A 248 12.61 -26.75 -9.65
C PHE A 248 11.95 -26.79 -8.26
N ILE A 249 11.17 -25.75 -7.93
CA ILE A 249 10.55 -25.67 -6.61
C ILE A 249 9.48 -26.76 -6.44
N ALA A 250 8.66 -26.93 -7.46
CA ALA A 250 7.62 -27.93 -7.47
C ALA A 250 8.14 -29.35 -7.15
N THR A 251 9.17 -29.72 -7.86
CA THR A 251 9.89 -30.97 -7.62
C THR A 251 10.39 -31.12 -6.19
N LEU A 252 11.03 -30.10 -5.62
CA LEU A 252 11.47 -30.19 -4.22
C LEU A 252 10.28 -30.32 -3.29
N GLU A 253 9.23 -29.51 -3.46
CA GLU A 253 8.13 -29.52 -2.47
C GLU A 253 7.24 -30.78 -2.61
N ASN A 254 7.03 -31.24 -3.84
CA ASN A 254 6.30 -32.46 -4.02
C ASN A 254 7.04 -33.71 -3.53
N ARG A 255 8.34 -33.65 -3.57
CA ARG A 255 9.15 -34.76 -3.11
C ARG A 255 9.09 -34.78 -1.57
N GLN A 256 9.24 -33.64 -0.93
CA GLN A 256 9.49 -33.56 0.50
C GLN A 256 8.23 -33.48 1.38
N GLY A 257 7.17 -32.98 0.79
CA GLY A 257 6.04 -32.51 1.58
C GLY A 257 6.47 -31.35 2.46
N LEU A 258 7.37 -30.49 1.97
CA LEU A 258 7.81 -29.29 2.71
C LEU A 258 7.96 -28.15 1.74
N LYS A 259 7.82 -26.91 2.20
CA LYS A 259 7.86 -25.79 1.27
C LYS A 259 9.20 -25.08 1.30
N VAL A 260 9.51 -24.45 0.20
CA VAL A 260 10.69 -23.62 0.14
C VAL A 260 10.17 -22.23 0.22
N ALA A 261 10.76 -21.44 1.10
CA ALA A 261 10.44 -20.03 1.29
C ALA A 261 8.97 -19.78 1.66
N CYS A 262 8.48 -20.52 2.64
CA CYS A 262 7.16 -20.28 3.22
C CYS A 262 7.37 -19.31 4.35
N PRO A 263 7.04 -18.02 4.16
CA PRO A 263 7.36 -17.07 5.21
C PRO A 263 6.69 -17.33 6.56
N GLU A 264 5.52 -17.93 6.54
CA GLU A 264 4.85 -18.21 7.82
C GLU A 264 5.65 -19.21 8.63
N GLU A 265 6.11 -20.24 7.94
CA GLU A 265 6.90 -21.30 8.53
C GLU A 265 8.19 -20.77 9.15
N ILE A 266 8.85 -19.87 8.42
CA ILE A 266 10.14 -19.36 8.79
C ILE A 266 9.97 -18.49 10.01
N ALA A 267 8.95 -17.63 10.03
CA ALA A 267 8.67 -16.89 11.27
C ALA A 267 8.40 -17.81 12.45
N TYR A 268 7.62 -18.87 12.19
CA TYR A 268 7.31 -19.83 13.24
C TYR A 268 8.58 -20.44 13.82
N ARG A 269 9.49 -20.86 12.95
CA ARG A 269 10.73 -21.53 13.41
C ARG A 269 11.72 -20.57 14.00
N GLN A 270 11.69 -19.32 13.56
CA GLN A 270 12.48 -18.33 14.21
C GLN A 270 11.90 -17.86 15.57
N LYS A 271 10.70 -18.30 15.92
CA LYS A 271 9.96 -17.88 17.12
C LYS A 271 9.60 -16.38 17.09
N TRP A 272 9.35 -15.85 15.89
CA TRP A 272 8.84 -14.50 15.72
C TRP A 272 7.34 -14.52 15.83
N ILE A 273 6.73 -15.67 15.56
CA ILE A 273 5.35 -15.94 15.87
C ILE A 273 5.19 -17.29 16.60
N ASP A 274 4.13 -17.42 17.38
CA ASP A 274 3.88 -18.65 18.18
C ASP A 274 2.87 -19.55 17.53
N ALA A 275 2.67 -20.75 18.08
CA ALA A 275 1.63 -21.67 17.55
C ALA A 275 0.25 -21.04 17.38
N ALA A 276 -0.20 -20.26 18.37
CA ALA A 276 -1.56 -19.62 18.31
C ALA A 276 -1.69 -18.67 17.12
N GLN A 277 -0.65 -17.87 16.91
CA GLN A 277 -0.62 -16.94 15.79
C GLN A 277 -0.58 -17.63 14.42
N LEU A 278 0.24 -18.65 14.27
CA LEU A 278 0.26 -19.46 13.05
C LEU A 278 -1.06 -20.15 12.73
N GLU A 279 -1.79 -20.60 13.75
CA GLU A 279 -3.11 -21.23 13.56
C GLU A 279 -4.10 -20.27 12.93
N LYS A 280 -4.09 -19.02 13.37
CA LYS A 280 -4.94 -17.98 12.73
C LYS A 280 -4.60 -17.67 11.24
N LEU A 281 -3.33 -17.77 10.88
CA LEU A 281 -2.86 -17.51 9.51
C LEU A 281 -3.28 -18.61 8.58
N ALA A 282 -3.26 -19.83 9.12
CA ALA A 282 -3.78 -21.01 8.43
C ALA A 282 -5.25 -20.90 8.06
N ALA A 283 -6.09 -20.38 8.95
CA ALA A 283 -7.57 -20.39 8.75
C ALA A 283 -8.11 -19.88 7.37
N PRO A 284 -7.84 -18.61 6.98
CA PRO A 284 -8.28 -18.15 5.64
C PRO A 284 -7.75 -18.91 4.43
N LEU A 285 -6.73 -19.76 4.59
CA LEU A 285 -6.26 -20.59 3.50
C LEU A 285 -6.56 -22.09 3.74
N ALA A 286 -7.43 -22.42 4.71
CA ALA A 286 -7.68 -23.82 5.14
C ALA A 286 -8.18 -24.80 4.06
N LYS A 287 -8.90 -24.28 3.07
CA LYS A 287 -9.43 -25.07 1.97
C LYS A 287 -8.31 -25.55 1.02
N ASN A 288 -7.31 -24.70 0.78
CA ASN A 288 -6.18 -25.04 -0.09
C ASN A 288 -5.00 -25.69 0.64
N GLY A 289 -4.01 -26.11 -0.15
CA GLY A 289 -2.87 -26.87 0.33
C GLY A 289 -1.94 -26.03 1.17
N TYR A 290 -1.87 -24.75 0.86
CA TYR A 290 -0.97 -23.85 1.58
C TYR A 290 -1.43 -23.70 3.04
N GLY A 291 -2.70 -23.38 3.22
CA GLY A 291 -3.30 -23.39 4.57
C GLY A 291 -3.20 -24.74 5.27
N GLN A 292 -3.37 -25.84 4.53
CA GLN A 292 -3.27 -27.20 5.18
C GLN A 292 -1.84 -27.46 5.67
N TYR A 293 -0.84 -26.98 4.90
CA TYR A 293 0.55 -27.11 5.25
C TYR A 293 0.86 -26.31 6.50
N LEU A 294 0.41 -25.06 6.55
CA LEU A 294 0.62 -24.26 7.77
C LEU A 294 0.08 -24.96 9.03
N LYS A 295 -1.09 -25.57 8.92
CA LYS A 295 -1.75 -26.36 9.97
C LYS A 295 -0.93 -27.59 10.40
N ARG A 296 -0.42 -28.36 9.42
CA ARG A 296 0.43 -29.51 9.75
C ARG A 296 1.70 -29.13 10.53
N LEU A 297 2.27 -27.96 10.25
CA LEU A 297 3.47 -27.50 10.95
C LEU A 297 3.31 -27.40 12.47
N LEU A 298 2.08 -27.17 12.92
CA LEU A 298 1.76 -27.11 14.35
C LEU A 298 2.02 -28.40 15.13
N THR A 299 1.88 -29.54 14.47
CA THR A 299 1.86 -30.86 15.13
C THR A 299 2.79 -31.90 14.46
N GLU A 300 3.89 -31.41 13.87
CA GLU A 300 4.93 -32.26 13.29
C GLU A 300 6.25 -31.69 13.77
N THR A 301 7.15 -32.51 14.31
CA THR A 301 8.54 -32.08 14.49
C THR A 301 9.22 -32.23 13.11
N VAL A 302 9.86 -31.16 12.65
CA VAL A 302 10.61 -31.14 11.41
C VAL A 302 12.03 -30.74 11.74
N TYR A 303 12.97 -31.64 11.47
CA TYR A 303 14.39 -31.40 11.73
C TYR A 303 15.11 -30.60 10.63
N LYS B 12 -16.75 10.26 -19.86
CA LYS B 12 -16.38 10.09 -18.40
C LYS B 12 -15.23 10.97 -17.85
N ARG B 13 -15.28 11.17 -16.54
CA ARG B 13 -14.49 12.18 -15.91
C ARG B 13 -13.62 11.54 -14.88
N LYS B 14 -12.31 11.81 -14.99
CA LYS B 14 -11.32 11.30 -14.05
C LYS B 14 -10.95 12.40 -13.09
N GLY B 15 -10.34 12.01 -11.99
CA GLY B 15 -10.03 12.93 -10.90
C GLY B 15 -8.57 12.89 -10.56
N ILE B 16 -8.07 14.04 -10.10
CA ILE B 16 -6.74 14.13 -9.60
C ILE B 16 -6.82 14.85 -8.28
N ILE B 17 -6.22 14.27 -7.22
CA ILE B 17 -5.94 14.96 -5.98
C ILE B 17 -4.47 15.36 -5.92
N LEU B 18 -4.23 16.63 -5.74
CA LEU B 18 -2.88 17.14 -5.60
C LEU B 18 -2.56 17.26 -4.13
N ALA B 19 -1.70 16.37 -3.65
CA ALA B 19 -1.37 16.23 -2.24
C ALA B 19 0.13 16.31 -2.09
N GLY B 20 0.70 17.42 -2.56
CA GLY B 20 2.14 17.56 -2.70
C GLY B 20 2.86 18.07 -1.46
N GLY B 21 4.06 18.55 -1.72
CA GLY B 21 4.94 19.11 -0.71
C GLY B 21 4.37 20.37 -0.10
N SER B 22 4.17 20.30 1.23
CA SER B 22 3.87 21.43 2.14
C SER B 22 5.15 22.21 2.51
N GLY B 23 6.29 21.77 1.98
CA GLY B 23 7.56 22.37 2.28
C GLY B 23 7.85 22.21 3.77
N THR B 24 8.20 23.33 4.39
CA THR B 24 8.48 23.43 5.82
C THR B 24 7.44 24.25 6.59
N ARG B 25 6.46 24.85 5.90
CA ARG B 25 5.49 25.78 6.51
C ARG B 25 4.85 25.32 7.81
N LEU B 26 4.51 24.03 7.92
CA LEU B 26 3.82 23.47 9.09
C LEU B 26 4.74 22.61 9.98
N HIS B 27 6.05 22.58 9.68
CA HIS B 27 7.00 21.98 10.62
C HIS B 27 6.85 22.65 11.98
N PRO B 28 7.03 21.89 13.06
CA PRO B 28 7.47 20.50 13.02
C PRO B 28 6.38 19.42 12.96
N ALA B 29 5.07 19.73 13.04
CA ALA B 29 4.02 18.68 12.92
C ALA B 29 4.25 17.76 11.72
N THR B 30 4.70 18.38 10.63
CA THR B 30 4.90 17.74 9.34
C THR B 30 6.31 17.19 9.06
N LEU B 31 7.24 17.28 10.01
CA LEU B 31 8.42 16.41 9.98
C LEU B 31 8.00 14.92 10.17
N ALA B 32 6.95 14.71 10.96
CA ALA B 32 6.38 13.39 11.28
C ALA B 32 5.61 12.71 10.15
N ILE B 33 4.66 13.45 9.56
CA ILE B 33 3.91 13.00 8.36
C ILE B 33 3.51 14.12 7.41
N SER B 34 3.31 13.79 6.13
CA SER B 34 2.77 14.74 5.14
C SER B 34 1.49 15.41 5.62
N LYS B 35 1.34 16.66 5.19
CA LYS B 35 0.22 17.53 5.56
C LYS B 35 -1.14 16.84 5.39
N GLN B 36 -1.35 16.22 4.24
CA GLN B 36 -2.63 15.63 3.91
C GLN B 36 -2.86 14.24 4.56
N LEU B 37 -1.94 13.77 5.42
CA LEU B 37 -2.22 12.67 6.33
C LEU B 37 -2.53 13.10 7.73
N LEU B 38 -2.38 14.38 8.05
CA LEU B 38 -2.81 14.87 9.35
C LEU B 38 -4.32 14.77 9.44
N PRO B 39 -4.84 14.42 10.63
CA PRO B 39 -6.30 14.35 10.73
C PRO B 39 -6.97 15.73 10.77
N VAL B 40 -8.15 15.82 10.16
CA VAL B 40 -9.05 16.91 10.45
C VAL B 40 -10.12 16.26 11.34
N TYR B 41 -10.05 16.50 12.65
CA TYR B 41 -10.82 15.76 13.69
C TYR B 41 -10.53 14.23 13.79
N ASP B 42 -11.19 13.41 12.99
CA ASP B 42 -11.21 11.92 13.17
C ASP B 42 -10.72 11.15 11.92
N LYS B 43 -10.36 11.85 10.85
CA LYS B 43 -10.03 11.15 9.65
C LYS B 43 -8.92 11.90 8.92
N PRO B 44 -8.08 11.17 8.24
CA PRO B 44 -7.04 11.90 7.51
C PRO B 44 -7.56 13.01 6.58
N MET B 45 -6.78 14.09 6.45
CA MET B 45 -7.22 15.23 5.62
C MET B 45 -7.64 14.81 4.22
N ILE B 46 -6.94 13.84 3.63
CA ILE B 46 -7.22 13.47 2.25
C ILE B 46 -8.61 12.85 2.04
N TYR B 47 -9.17 12.29 3.10
CA TYR B 47 -10.54 11.76 3.02
C TYR B 47 -11.56 12.80 2.53
N TYR B 48 -11.33 14.08 2.87
CA TYR B 48 -12.26 15.15 2.53
C TYR B 48 -12.30 15.50 1.01
N PRO B 49 -11.16 15.84 0.37
CA PRO B 49 -11.16 16.01 -1.11
C PRO B 49 -11.47 14.71 -1.86
N LEU B 50 -11.06 13.57 -1.32
CA LEU B 50 -11.45 12.29 -1.93
C LEU B 50 -12.96 12.19 -1.96
N SER B 51 -13.59 12.47 -0.82
CA SER B 51 -15.07 12.41 -0.69
C SER B 51 -15.78 13.40 -1.63
N THR B 52 -15.19 14.59 -1.74
CA THR B 52 -15.63 15.56 -2.72
C THR B 52 -15.69 14.99 -4.15
N LEU B 53 -14.65 14.29 -4.58
CA LEU B 53 -14.62 13.74 -5.93
C LEU B 53 -15.61 12.61 -6.01
N MET B 54 -15.74 11.82 -4.94
CA MET B 54 -16.71 10.76 -4.95
C MET B 54 -18.11 11.37 -5.06
N LEU B 55 -18.36 12.43 -4.32
CA LEU B 55 -19.64 13.12 -4.44
C LEU B 55 -19.98 13.67 -5.84
N ALA B 56 -18.95 14.12 -6.58
CA ALA B 56 -19.09 14.47 -8.01
C ALA B 56 -19.25 13.24 -8.95
N GLY B 57 -19.27 12.03 -8.41
CA GLY B 57 -19.49 10.82 -9.15
C GLY B 57 -18.23 10.28 -9.81
N ILE B 58 -17.06 10.68 -9.31
CA ILE B 58 -15.81 10.37 -9.97
C ILE B 58 -15.22 9.20 -9.17
N ARG B 59 -14.88 8.14 -9.89
CA ARG B 59 -14.42 6.86 -9.33
C ARG B 59 -12.97 6.61 -9.64
N GLU B 60 -12.45 7.20 -10.71
CA GLU B 60 -11.09 6.93 -11.11
C GLU B 60 -10.27 8.12 -10.78
N ILE B 61 -9.31 7.95 -9.87
CA ILE B 61 -8.60 9.08 -9.26
C ILE B 61 -7.09 8.86 -9.16
N LEU B 62 -6.32 9.83 -9.66
CA LEU B 62 -4.88 9.87 -9.53
C LEU B 62 -4.51 10.75 -8.36
N ILE B 63 -3.70 10.22 -7.43
CA ILE B 63 -3.19 10.98 -6.31
C ILE B 63 -1.73 11.32 -6.60
N ILE B 64 -1.42 12.60 -6.68
CA ILE B 64 -0.06 13.08 -6.85
C ILE B 64 0.54 13.64 -5.57
N SER B 65 1.73 13.14 -5.19
CA SER B 65 2.39 13.48 -3.96
C SER B 65 3.88 13.27 -4.09
N THR B 66 4.67 13.65 -3.10
CA THR B 66 6.12 13.46 -3.17
C THR B 66 6.50 11.98 -3.26
N PRO B 67 7.73 11.70 -3.73
CA PRO B 67 8.19 10.31 -3.68
C PRO B 67 8.15 9.75 -2.25
N GLN B 68 8.48 10.57 -1.27
CA GLN B 68 8.51 10.17 0.11
C GLN B 68 7.13 9.81 0.61
N ASP B 69 6.11 10.53 0.13
CA ASP B 69 4.77 10.43 0.70
C ASP B 69 3.87 9.49 -0.04
N THR B 70 4.16 9.23 -1.32
CA THR B 70 3.38 8.36 -2.17
C THR B 70 3.06 7.02 -1.46
N PRO B 71 4.05 6.33 -0.88
CA PRO B 71 3.78 5.05 -0.21
C PRO B 71 2.90 5.14 1.03
N ARG B 72 2.90 6.29 1.67
CA ARG B 72 2.13 6.45 2.88
C ARG B 72 0.70 6.73 2.51
N PHE B 73 0.45 7.50 1.47
CA PHE B 73 -0.92 7.57 0.93
C PHE B 73 -1.38 6.19 0.46
N GLN B 74 -0.49 5.47 -0.19
CA GLN B 74 -0.80 4.11 -0.64
C GLN B 74 -1.18 3.16 0.46
N GLN B 75 -0.56 3.29 1.61
CA GLN B 75 -0.82 2.42 2.75
C GLN B 75 -2.19 2.66 3.32
N LEU B 76 -2.55 3.93 3.36
CA LEU B 76 -3.88 4.33 3.84
C LEU B 76 -5.00 3.91 2.90
N LEU B 77 -4.84 4.21 1.62
CA LEU B 77 -5.93 4.09 0.68
C LEU B 77 -5.90 2.87 -0.24
N GLY B 78 -4.74 2.23 -0.42
CA GLY B 78 -4.60 1.18 -1.44
C GLY B 78 -5.00 1.63 -2.84
N ASP B 79 -5.56 0.71 -3.61
CA ASP B 79 -6.04 0.98 -4.98
C ASP B 79 -7.51 1.42 -5.10
N GLY B 80 -8.19 1.52 -3.96
CA GLY B 80 -9.54 2.02 -3.92
C GLY B 80 -10.59 0.95 -4.05
N SER B 81 -10.25 -0.22 -4.58
CA SER B 81 -11.25 -1.22 -4.93
C SER B 81 -12.14 -1.66 -3.76
N ASN B 82 -11.69 -1.57 -2.53
CA ASN B 82 -12.61 -1.78 -1.40
C ASN B 82 -13.72 -0.76 -1.26
N TRP B 83 -13.50 0.43 -1.84
CA TRP B 83 -14.51 1.47 -1.85
C TRP B 83 -15.17 1.65 -3.18
N GLY B 84 -14.98 0.70 -4.08
CA GLY B 84 -15.52 0.79 -5.43
C GLY B 84 -14.82 1.83 -6.28
N LEU B 85 -13.60 2.20 -5.90
CA LEU B 85 -12.82 3.20 -6.63
C LEU B 85 -11.64 2.52 -7.32
N ASP B 86 -11.00 3.26 -8.21
CA ASP B 86 -9.78 2.86 -8.88
C ASP B 86 -8.83 4.04 -8.68
N LEU B 87 -7.96 3.92 -7.67
CA LEU B 87 -7.00 4.93 -7.28
C LEU B 87 -5.61 4.54 -7.81
N GLN B 88 -4.97 5.50 -8.45
CA GLN B 88 -3.64 5.35 -8.95
C GLN B 88 -2.82 6.49 -8.39
N TYR B 89 -1.52 6.42 -8.61
CA TYR B 89 -0.57 7.25 -7.90
C TYR B 89 0.53 7.67 -8.82
N ALA B 90 0.97 8.91 -8.69
CA ALA B 90 2.14 9.37 -9.45
C ALA B 90 2.92 10.28 -8.54
N VAL B 91 4.22 10.43 -8.81
CA VAL B 91 5.04 11.25 -7.94
C VAL B 91 5.19 12.66 -8.49
N GLN B 92 5.35 13.63 -7.61
CA GLN B 92 5.74 14.97 -8.01
C GLN B 92 7.08 15.24 -7.39
N PRO B 93 8.15 15.26 -8.22
CA PRO B 93 9.50 15.41 -7.67
C PRO B 93 9.75 16.73 -6.98
N SER B 94 9.31 17.81 -7.62
CA SER B 94 9.61 19.18 -7.19
C SER B 94 8.31 19.99 -7.11
N PRO B 95 8.21 20.92 -6.15
CA PRO B 95 7.01 21.79 -6.11
C PRO B 95 7.08 22.91 -7.15
N ASP B 96 6.60 22.61 -8.37
CA ASP B 96 6.66 23.55 -9.49
C ASP B 96 5.26 23.93 -9.97
N GLY B 97 4.34 24.13 -9.03
CA GLY B 97 3.02 24.71 -9.34
C GLY B 97 1.92 23.69 -9.55
N LEU B 98 0.68 24.16 -9.43
CA LEU B 98 -0.48 23.28 -9.38
C LEU B 98 -0.84 22.78 -10.79
N ALA B 99 -0.52 23.55 -11.82
CA ALA B 99 -0.82 23.15 -13.20
C ALA B 99 0.05 21.98 -13.65
N GLN B 100 1.15 21.76 -12.94
CA GLN B 100 2.02 20.63 -13.20
C GLN B 100 1.25 19.31 -13.12
N ALA B 101 0.18 19.31 -12.31
CA ALA B 101 -0.73 18.18 -12.18
C ALA B 101 -1.14 17.57 -13.53
N PHE B 102 -1.34 18.42 -14.54
CA PHE B 102 -1.80 17.98 -15.87
C PHE B 102 -0.68 17.41 -16.76
N LEU B 103 0.54 17.87 -16.57
CA LEU B 103 1.69 17.24 -17.20
C LEU B 103 1.97 15.91 -16.54
N ILE B 104 2.11 15.86 -15.21
CA ILE B 104 2.28 14.56 -14.51
C ILE B 104 1.13 13.62 -14.85
N GLY B 105 -0.09 14.12 -14.81
CA GLY B 105 -1.24 13.30 -15.06
C GLY B 105 -1.69 13.07 -16.50
N GLU B 106 -0.90 13.53 -17.45
CA GLU B 106 -1.20 13.34 -18.90
C GLU B 106 -1.69 11.93 -19.30
N SER B 107 -0.88 10.89 -19.07
CA SER B 107 -1.25 9.52 -19.47
C SER B 107 -2.47 9.01 -18.71
N PHE B 108 -2.58 9.42 -17.45
CA PHE B 108 -3.76 9.12 -16.70
C PHE B 108 -5.00 9.80 -17.31
N ILE B 109 -4.92 11.08 -17.64
CA ILE B 109 -6.08 11.79 -18.17
C ILE B 109 -6.48 11.14 -19.51
N GLY B 110 -5.52 10.96 -20.41
CA GLY B 110 -5.83 10.41 -21.71
C GLY B 110 -6.66 11.42 -22.49
N ASN B 111 -7.72 10.93 -23.11
CA ASN B 111 -8.60 11.79 -23.89
C ASN B 111 -9.87 12.13 -23.08
N ASP B 112 -9.89 11.80 -21.80
CA ASP B 112 -11.08 12.00 -20.97
C ASP B 112 -11.18 13.39 -20.36
N LEU B 113 -12.33 13.64 -19.75
CA LEU B 113 -12.58 14.85 -18.97
C LEU B 113 -11.87 14.67 -17.67
N SER B 114 -11.62 15.77 -16.96
CA SER B 114 -10.96 15.67 -15.68
C SER B 114 -11.56 16.56 -14.59
N ALA B 115 -11.05 16.38 -13.38
CA ALA B 115 -11.33 17.22 -12.23
C ALA B 115 -10.12 17.21 -11.27
N LEU B 116 -9.67 18.41 -10.91
CA LEU B 116 -8.54 18.59 -10.03
C LEU B 116 -9.04 19.15 -8.70
N VAL B 117 -8.59 18.55 -7.62
CA VAL B 117 -8.93 19.03 -6.31
C VAL B 117 -7.69 19.10 -5.47
N LEU B 118 -7.55 20.19 -4.72
CA LEU B 118 -6.43 20.38 -3.79
C LEU B 118 -6.64 19.54 -2.58
N GLY B 119 -5.56 18.96 -2.08
CA GLY B 119 -5.62 17.98 -1.02
C GLY B 119 -5.87 18.51 0.38
N ASP B 120 -5.83 19.81 0.55
CA ASP B 120 -6.09 20.40 1.85
C ASP B 120 -7.35 21.23 1.87
N ASN B 121 -8.23 21.02 0.90
CA ASN B 121 -9.54 21.69 0.88
C ASN B 121 -10.70 20.79 1.33
N LEU B 122 -11.53 21.41 2.16
CA LEU B 122 -12.63 20.82 2.85
C LEU B 122 -13.88 21.64 2.45
N TYR B 123 -14.92 20.95 2.05
CA TYR B 123 -16.19 21.52 1.62
C TYR B 123 -17.30 20.91 2.46
N TYR B 124 -18.26 21.73 2.88
CA TYR B 124 -19.47 21.19 3.53
C TYR B 124 -20.67 22.00 3.09
N GLY B 125 -21.78 21.29 2.80
CA GLY B 125 -23.07 21.94 2.68
C GLY B 125 -24.15 21.20 1.96
N HIS B 126 -25.31 21.83 1.92
CA HIS B 126 -26.51 21.20 1.42
C HIS B 126 -26.58 21.23 -0.10
N ASP B 127 -27.00 20.11 -0.68
CA ASP B 127 -27.15 19.96 -2.12
C ASP B 127 -25.76 20.08 -2.73
N PHE B 128 -24.73 19.66 -1.98
CA PHE B 128 -23.37 19.82 -2.47
C PHE B 128 -23.16 18.90 -3.66
N HIS B 129 -23.74 17.70 -3.57
CA HIS B 129 -23.93 16.75 -4.69
C HIS B 129 -24.45 17.46 -5.95
N GLU B 130 -25.51 18.26 -5.81
CA GLU B 130 -26.20 18.91 -6.95
C GLU B 130 -25.42 20.04 -7.55
N LEU B 131 -24.66 20.75 -6.73
CA LEU B 131 -23.76 21.80 -7.21
C LEU B 131 -22.64 21.21 -8.09
N LEU B 132 -22.06 20.13 -7.62
CA LEU B 132 -21.04 19.44 -8.35
C LEU B 132 -21.55 18.77 -9.62
N GLY B 133 -22.72 18.14 -9.56
CA GLY B 133 -23.34 17.47 -10.69
C GLY B 133 -23.41 18.37 -11.92
N SER B 134 -23.96 19.57 -11.73
CA SER B 134 -24.09 20.52 -12.80
C SER B 134 -22.74 21.05 -13.33
N ALA B 135 -21.70 21.07 -12.51
CA ALA B 135 -20.35 21.34 -13.06
C ALA B 135 -19.87 20.12 -13.85
N SER B 136 -20.05 18.93 -13.30
CA SER B 136 -19.42 17.74 -13.91
C SER B 136 -20.18 17.28 -15.19
N GLN B 137 -21.47 17.60 -15.27
CA GLN B 137 -22.28 17.37 -16.48
C GLN B 137 -21.92 18.25 -17.68
N ARG B 138 -21.33 19.42 -17.42
CA ARG B 138 -20.96 20.36 -18.49
C ARG B 138 -19.72 19.80 -19.23
N GLN B 139 -19.95 19.07 -20.32
CA GLN B 139 -18.91 18.25 -20.96
C GLN B 139 -17.96 19.06 -21.87
N THR B 140 -18.10 20.39 -21.95
CA THR B 140 -17.12 21.20 -22.66
C THR B 140 -16.76 22.42 -21.83
N GLY B 141 -15.53 22.87 -22.02
CA GLY B 141 -14.99 23.96 -21.25
C GLY B 141 -14.62 23.54 -19.84
N ALA B 142 -14.26 24.55 -19.05
CA ALA B 142 -13.89 24.46 -17.67
C ALA B 142 -14.99 25.02 -16.72
N SER B 143 -15.17 24.41 -15.56
CA SER B 143 -16.00 24.99 -14.47
C SER B 143 -15.20 25.18 -13.17
N VAL B 144 -15.29 26.37 -12.59
CA VAL B 144 -14.70 26.67 -11.27
C VAL B 144 -15.77 27.26 -10.33
N PHE B 145 -15.41 27.39 -9.06
CA PHE B 145 -16.33 27.85 -8.05
C PHE B 145 -15.76 29.04 -7.32
N ALA B 146 -16.56 30.12 -7.27
CA ALA B 146 -16.17 31.31 -6.55
C ALA B 146 -16.85 31.33 -5.17
N TYR B 147 -16.12 31.80 -4.17
CA TYR B 147 -16.58 31.82 -2.79
C TYR B 147 -16.05 33.06 -2.10
N HIS B 148 -16.98 33.85 -1.53
CA HIS B 148 -16.64 35.07 -0.77
C HIS B 148 -15.81 34.76 0.46
N VAL B 149 -14.67 35.42 0.57
CA VAL B 149 -13.74 35.23 1.68
C VAL B 149 -13.23 36.57 2.23
N LEU B 150 -12.81 36.53 3.48
CA LEU B 150 -12.19 37.70 4.14
C LEU B 150 -10.86 38.10 3.51
N ASP B 151 -10.09 37.12 3.01
CA ASP B 151 -8.69 37.34 2.60
C ASP B 151 -8.44 36.87 1.20
N PRO B 152 -9.13 37.48 0.22
CA PRO B 152 -8.99 37.01 -1.17
C PRO B 152 -7.56 37.09 -1.77
N GLU B 153 -6.68 37.93 -1.21
CA GLU B 153 -5.23 38.01 -1.56
C GLU B 153 -4.49 36.68 -1.49
N ARG B 154 -5.01 35.72 -0.72
CA ARG B 154 -4.35 34.41 -0.63
C ARG B 154 -4.74 33.47 -1.76
N TYR B 155 -5.70 33.85 -2.60
CA TYR B 155 -6.21 32.94 -3.60
C TYR B 155 -6.19 33.54 -4.96
N GLY B 156 -6.52 32.70 -5.94
CA GLY B 156 -7.06 33.16 -7.18
C GLY B 156 -8.39 33.87 -6.93
N VAL B 157 -8.54 35.04 -7.56
CA VAL B 157 -9.65 36.00 -7.34
C VAL B 157 -10.32 36.30 -8.68
N VAL B 158 -11.65 36.13 -8.69
CA VAL B 158 -12.52 36.37 -9.83
C VAL B 158 -13.11 37.75 -9.71
N GLU B 159 -13.06 38.50 -10.82
CA GLU B 159 -13.72 39.79 -10.98
C GLU B 159 -14.96 39.61 -11.89
N PHE B 160 -16.07 40.22 -11.47
CA PHE B 160 -17.32 40.17 -12.20
C PHE B 160 -17.69 41.57 -12.71
N ASP B 161 -18.28 41.62 -13.91
CA ASP B 161 -19.01 42.84 -14.34
C ASP B 161 -20.40 42.89 -13.64
N GLN B 162 -21.14 43.98 -13.91
CA GLN B 162 -22.47 44.21 -13.33
C GLN B 162 -23.53 43.17 -13.71
N GLY B 163 -23.36 42.55 -14.88
CA GLY B 163 -24.24 41.43 -15.28
C GLY B 163 -23.95 40.13 -14.55
N GLY B 164 -23.01 40.18 -13.59
CA GLY B 164 -22.57 39.01 -12.86
C GLY B 164 -21.68 38.10 -13.68
N LYS B 165 -21.07 38.60 -14.77
CA LYS B 165 -20.21 37.75 -15.63
C LYS B 165 -18.74 37.91 -15.25
N ALA B 166 -18.00 36.80 -15.27
CA ALA B 166 -16.58 36.79 -14.99
C ALA B 166 -15.77 37.49 -16.08
N ILE B 167 -14.92 38.46 -15.73
CA ILE B 167 -14.11 39.21 -16.72
C ILE B 167 -12.59 39.29 -16.49
N SER B 168 -12.12 38.89 -15.30
CA SER B 168 -10.69 38.63 -15.08
C SER B 168 -10.44 37.61 -13.94
N LEU B 169 -9.21 37.13 -13.90
CA LEU B 169 -8.67 36.29 -12.86
C LEU B 169 -7.29 36.78 -12.53
N GLU B 170 -6.96 36.80 -11.25
CA GLU B 170 -5.66 37.24 -10.79
C GLU B 170 -5.26 36.28 -9.70
N GLU B 171 -4.03 35.78 -9.78
CA GLU B 171 -3.43 34.93 -8.76
C GLU B 171 -2.82 35.76 -7.65
N LYS B 172 -3.35 35.58 -6.44
CA LYS B 172 -2.84 36.20 -5.24
C LYS B 172 -2.60 37.70 -5.39
N PRO B 173 -3.60 38.43 -5.84
CA PRO B 173 -3.37 39.84 -6.05
C PRO B 173 -3.21 40.57 -4.72
N LEU B 174 -2.27 41.50 -4.66
CA LEU B 174 -2.08 42.31 -3.47
C LEU B 174 -3.25 43.30 -3.35
N GLU B 175 -3.90 43.62 -4.47
CA GLU B 175 -5.08 44.46 -4.46
C GLU B 175 -6.22 43.71 -5.16
N PRO B 176 -6.91 42.81 -4.41
CA PRO B 176 -7.96 42.01 -5.03
C PRO B 176 -9.05 42.86 -5.67
N LYS B 177 -9.58 42.45 -6.82
CA LYS B 177 -10.74 43.14 -7.39
C LYS B 177 -12.14 42.83 -6.77
N SER B 178 -12.25 41.66 -6.16
CA SER B 178 -13.42 41.26 -5.37
C SER B 178 -12.95 40.50 -4.13
N ASN B 179 -13.93 40.06 -3.35
CA ASN B 179 -13.70 39.12 -2.27
C ASN B 179 -14.03 37.69 -2.70
N TYR B 180 -14.22 37.48 -4.00
CA TYR B 180 -14.55 36.15 -4.50
C TYR B 180 -13.28 35.37 -4.89
N ALA B 181 -12.94 34.36 -4.05
CA ALA B 181 -11.84 33.45 -4.32
C ALA B 181 -12.31 32.28 -5.13
N VAL B 182 -11.38 31.69 -5.89
CA VAL B 182 -11.65 30.49 -6.68
C VAL B 182 -11.30 29.29 -5.80
N THR B 183 -12.24 28.37 -5.56
CA THR B 183 -11.94 27.28 -4.64
C THR B 183 -11.01 26.29 -5.34
N GLY B 184 -10.33 25.47 -4.54
CA GLY B 184 -9.43 24.43 -5.03
C GLY B 184 -10.13 23.20 -5.58
N LEU B 185 -11.11 23.41 -6.46
CA LEU B 185 -11.90 22.35 -7.03
C LEU B 185 -12.23 22.82 -8.43
N TYR B 186 -11.71 22.09 -9.42
CA TYR B 186 -11.72 22.53 -10.83
C TYR B 186 -12.17 21.39 -11.70
N PHE B 187 -13.05 21.67 -12.67
CA PHE B 187 -13.50 20.71 -13.66
C PHE B 187 -13.01 21.14 -15.01
N TYR B 188 -12.42 20.21 -15.78
CA TYR B 188 -11.82 20.49 -17.12
C TYR B 188 -12.31 19.50 -18.21
N ASP B 189 -12.29 19.98 -19.46
CA ASP B 189 -12.54 19.12 -20.61
C ASP B 189 -11.20 18.68 -21.17
N GLN B 190 -11.22 18.16 -22.40
CA GLN B 190 -10.07 17.55 -23.03
C GLN B 190 -9.00 18.56 -23.45
N GLN B 191 -9.30 19.86 -23.45
CA GLN B 191 -8.32 20.88 -23.84
C GLN B 191 -7.27 21.13 -22.78
N VAL B 192 -7.45 20.60 -21.58
CA VAL B 192 -6.63 21.02 -20.47
C VAL B 192 -5.14 20.64 -20.51
N VAL B 193 -4.81 19.47 -21.02
CA VAL B 193 -3.40 19.06 -21.13
C VAL B 193 -2.70 19.95 -22.13
N ASP B 194 -3.36 20.22 -23.26
CA ASP B 194 -2.81 21.03 -24.35
C ASP B 194 -2.55 22.47 -23.88
N ILE B 195 -3.53 23.05 -23.17
CA ILE B 195 -3.33 24.36 -22.51
C ILE B 195 -2.15 24.34 -21.52
N ALA B 196 -2.08 23.31 -20.68
CA ALA B 196 -1.01 23.15 -19.71
C ALA B 196 0.38 22.99 -20.32
N ARG B 197 0.47 22.31 -21.45
CA ARG B 197 1.77 22.16 -22.13
C ARG B 197 2.41 23.50 -22.57
N ASP B 198 1.59 24.50 -22.94
CA ASP B 198 2.07 25.85 -23.32
C ASP B 198 2.36 26.86 -22.19
N LEU B 199 2.11 26.49 -20.95
CA LEU B 199 2.35 27.41 -19.83
C LEU B 199 3.85 27.62 -19.57
N LYS B 200 4.30 28.86 -19.65
CA LYS B 200 5.67 29.21 -19.27
C LYS B 200 5.63 29.66 -17.79
N PRO B 201 6.58 29.17 -16.93
CA PRO B 201 6.56 29.47 -15.48
C PRO B 201 6.24 30.92 -15.10
N SER B 202 5.48 31.09 -14.02
CA SER B 202 5.15 32.42 -13.50
C SER B 202 6.43 33.06 -12.96
N PRO B 203 6.43 34.42 -12.81
CA PRO B 203 7.54 35.15 -12.17
C PRO B 203 8.18 34.52 -10.90
N ARG B 204 7.45 33.65 -10.20
CA ARG B 204 7.96 32.89 -9.01
C ARG B 204 8.26 31.37 -9.24
N GLY B 205 8.36 30.94 -10.50
CA GLY B 205 8.81 29.57 -10.86
C GLY B 205 7.77 28.46 -10.86
N GLU B 206 6.48 28.85 -10.89
CA GLU B 206 5.36 27.92 -10.75
C GLU B 206 4.49 27.88 -12.02
N LEU B 207 4.03 26.70 -12.42
CA LEU B 207 3.02 26.56 -13.48
C LEU B 207 1.69 26.73 -12.78
N GLU B 208 1.02 27.84 -13.06
CA GLU B 208 -0.05 28.31 -12.21
C GLU B 208 -1.42 27.93 -12.77
N ILE B 209 -2.31 27.54 -11.84
CA ILE B 209 -3.64 27.08 -12.20
C ILE B 209 -4.48 28.21 -12.75
N THR B 210 -4.30 29.38 -12.18
CA THR B 210 -4.98 30.56 -12.66
C THR B 210 -4.74 30.81 -14.17
N ASP B 211 -3.53 30.47 -14.65
CA ASP B 211 -3.18 30.63 -16.06
C ASP B 211 -3.94 29.67 -16.93
N VAL B 212 -4.08 28.44 -16.46
CA VAL B 212 -4.98 27.48 -17.10
C VAL B 212 -6.36 28.03 -17.22
N ASN B 213 -6.88 28.55 -16.10
CA ASN B 213 -8.28 28.98 -16.03
C ASN B 213 -8.52 30.19 -16.82
N ARG B 214 -7.50 31.04 -16.94
CA ARG B 214 -7.61 32.26 -17.75
C ARG B 214 -7.63 31.96 -19.24
N ALA B 215 -6.86 30.95 -19.67
CA ALA B 215 -6.94 30.51 -21.05
C ALA B 215 -8.36 30.15 -21.39
N TYR B 216 -9.07 29.43 -20.51
CA TYR B 216 -10.47 29.07 -20.81
C TYR B 216 -11.39 30.32 -20.83
N LEU B 217 -11.12 31.26 -19.94
CA LEU B 217 -11.85 32.54 -19.87
C LEU B 217 -11.79 33.23 -21.21
N GLU B 218 -10.57 33.41 -21.72
CA GLU B 218 -10.32 34.09 -23.00
C GLU B 218 -10.99 33.38 -24.20
N ARG B 219 -11.09 32.05 -24.14
CA ARG B 219 -11.84 31.26 -25.14
C ARG B 219 -13.34 31.37 -24.92
N GLY B 220 -13.78 32.05 -23.87
CA GLY B 220 -15.21 32.07 -23.54
C GLY B 220 -15.74 30.72 -23.11
N GLN B 221 -14.89 29.85 -22.53
CA GLN B 221 -15.38 28.51 -22.13
C GLN B 221 -15.21 28.20 -20.63
N LEU B 222 -15.25 29.25 -19.80
CA LEU B 222 -15.09 29.14 -18.36
C LEU B 222 -16.40 29.45 -17.67
N SER B 223 -17.03 28.45 -17.11
CA SER B 223 -18.12 28.66 -16.20
C SER B 223 -17.58 28.98 -14.75
N VAL B 224 -18.06 30.06 -14.16
CA VAL B 224 -17.77 30.40 -12.77
C VAL B 224 -19.10 30.37 -12.04
N GLU B 225 -19.30 29.32 -11.27
CA GLU B 225 -20.49 29.18 -10.42
C GLU B 225 -20.17 29.76 -9.05
N ILE B 226 -21.10 30.51 -8.48
CA ILE B 226 -20.92 30.97 -7.12
C ILE B 226 -21.20 29.80 -6.15
N MET B 227 -20.24 29.56 -5.23
CA MET B 227 -20.47 28.70 -4.07
C MET B 227 -20.93 29.59 -2.95
N GLY B 228 -22.18 29.43 -2.58
CA GLY B 228 -22.86 30.37 -1.68
C GLY B 228 -22.33 30.39 -0.27
N ARG B 229 -22.63 31.46 0.43
CA ARG B 229 -22.27 31.59 1.83
C ARG B 229 -22.88 30.48 2.76
N GLY B 230 -23.92 29.79 2.34
CA GLY B 230 -24.45 28.61 3.12
C GLY B 230 -23.58 27.33 3.09
N TYR B 231 -22.57 27.33 2.24
CA TYR B 231 -21.54 26.33 2.16
C TYR B 231 -20.34 26.72 2.97
N ALA B 232 -19.68 25.73 3.57
CA ALA B 232 -18.44 26.00 4.26
C ALA B 232 -17.29 25.50 3.39
N TRP B 233 -16.41 26.41 3.00
CA TRP B 233 -15.16 26.06 2.33
C TRP B 233 -14.06 26.38 3.31
N LEU B 234 -13.45 25.35 3.90
CA LEU B 234 -12.50 25.58 4.96
C LEU B 234 -11.03 25.46 4.54
N ASP B 235 -10.26 26.12 5.39
CA ASP B 235 -8.91 26.61 5.21
C ASP B 235 -7.98 25.68 5.99
N THR B 236 -7.19 24.84 5.34
CA THR B 236 -6.15 24.09 6.06
C THR B 236 -4.68 24.57 5.83
N GLY B 237 -4.50 25.87 5.70
CA GLY B 237 -3.17 26.44 5.46
C GLY B 237 -2.26 26.50 6.68
N THR B 238 -2.82 26.81 7.85
CA THR B 238 -2.05 26.98 9.07
C THR B 238 -2.40 26.00 10.19
N HIS B 239 -1.54 25.97 11.21
CA HIS B 239 -1.89 25.26 12.44
C HIS B 239 -3.22 25.70 13.01
N ASP B 240 -3.47 27.01 13.06
CA ASP B 240 -4.73 27.55 13.59
C ASP B 240 -5.94 27.14 12.81
N SER B 241 -5.79 27.06 11.50
CA SER B 241 -6.91 26.78 10.61
C SER B 241 -7.14 25.26 10.49
N LEU B 242 -6.09 24.44 10.63
CA LEU B 242 -6.25 23.00 10.78
C LEU B 242 -7.12 22.66 12.02
N LEU B 243 -6.86 23.39 13.08
CA LEU B 243 -7.55 23.29 14.32
C LEU B 243 -9.01 23.75 14.23
N GLU B 244 -9.24 24.95 13.66
CA GLU B 244 -10.60 25.43 13.34
C GLU B 244 -11.45 24.43 12.57
N ALA B 245 -10.84 23.81 11.59
CA ALA B 245 -11.54 22.90 10.73
C ALA B 245 -11.95 21.62 11.48
N GLY B 246 -11.03 21.16 12.35
CA GLY B 246 -11.27 20.05 13.27
C GLY B 246 -12.46 20.32 14.18
N GLN B 247 -12.47 21.49 14.77
CA GLN B 247 -13.59 21.96 15.61
CA GLN B 247 -13.59 21.85 15.65
C GLN B 247 -14.92 21.97 14.83
N PHE B 248 -14.85 22.49 13.61
CA PHE B 248 -16.03 22.62 12.76
C PHE B 248 -16.66 21.24 12.46
N ILE B 249 -15.83 20.29 12.07
CA ILE B 249 -16.26 18.95 11.74
C ILE B 249 -16.76 18.20 12.99
N ALA B 250 -16.02 18.29 14.09
CA ALA B 250 -16.46 17.65 15.30
C ALA B 250 -17.81 18.23 15.80
N THR B 251 -18.01 19.55 15.71
CA THR B 251 -19.31 20.12 16.10
C THR B 251 -20.49 19.52 15.27
N LEU B 252 -20.31 19.42 13.95
CA LEU B 252 -21.34 18.86 13.06
C LEU B 252 -21.55 17.38 13.37
N GLU B 253 -20.47 16.64 13.54
CA GLU B 253 -20.58 15.20 13.73
C GLU B 253 -21.30 14.84 15.02
N ASN B 254 -20.82 15.38 16.15
CA ASN B 254 -21.42 15.17 17.46
C ASN B 254 -22.85 15.72 17.61
N ARG B 255 -23.22 16.74 16.84
CA ARG B 255 -24.58 17.19 16.77
C ARG B 255 -25.46 16.14 16.07
N GLN B 256 -25.02 15.70 14.90
CA GLN B 256 -25.85 14.93 14.01
C GLN B 256 -25.91 13.42 14.30
N GLY B 257 -24.86 12.90 14.96
CA GLY B 257 -24.56 11.50 14.86
C GLY B 257 -24.34 11.01 13.43
N LEU B 258 -23.89 11.92 12.54
CA LEU B 258 -23.61 11.62 11.13
C LEU B 258 -22.22 12.11 10.84
N LYS B 259 -21.58 11.51 9.85
CA LYS B 259 -20.21 11.84 9.56
C LYS B 259 -20.14 12.69 8.29
N VAL B 260 -19.20 13.61 8.26
CA VAL B 260 -18.83 14.35 7.05
C VAL B 260 -17.58 13.69 6.37
N ALA B 261 -17.71 13.39 5.09
CA ALA B 261 -16.61 12.88 4.27
C ALA B 261 -16.13 11.49 4.71
N CYS B 262 -17.10 10.60 4.92
CA CYS B 262 -16.86 9.19 5.28
C CYS B 262 -16.90 8.50 3.95
N PRO B 263 -15.74 8.12 3.38
CA PRO B 263 -15.77 7.56 1.99
C PRO B 263 -16.54 6.24 1.82
N GLU B 264 -16.47 5.37 2.81
CA GLU B 264 -17.25 4.14 2.79
C GLU B 264 -18.76 4.41 2.64
N GLU B 265 -19.25 5.40 3.39
CA GLU B 265 -20.65 5.86 3.31
C GLU B 265 -20.99 6.43 1.96
N ILE B 266 -20.08 7.26 1.43
CA ILE B 266 -20.34 7.83 0.13
C ILE B 266 -20.45 6.72 -0.94
N ALA B 267 -19.50 5.80 -0.93
CA ALA B 267 -19.49 4.62 -1.83
C ALA B 267 -20.79 3.76 -1.74
N TYR B 268 -21.24 3.53 -0.50
CA TYR B 268 -22.48 2.78 -0.22
C TYR B 268 -23.67 3.46 -0.83
N ARG B 269 -23.77 4.76 -0.64
CA ARG B 269 -24.93 5.52 -1.12
C ARG B 269 -24.83 5.77 -2.60
N GLN B 270 -23.62 5.86 -3.14
CA GLN B 270 -23.49 5.95 -4.59
C GLN B 270 -23.78 4.63 -5.32
N LYS B 271 -24.05 3.55 -4.58
CA LYS B 271 -24.23 2.19 -5.13
C LYS B 271 -22.92 1.62 -5.71
N TRP B 272 -21.77 2.11 -5.23
CA TRP B 272 -20.45 1.59 -5.70
C TRP B 272 -19.98 0.40 -4.91
N ILE B 273 -20.53 0.23 -3.73
CA ILE B 273 -20.39 -1.00 -3.00
C ILE B 273 -21.77 -1.31 -2.42
N ASP B 274 -21.96 -2.53 -1.97
CA ASP B 274 -23.23 -2.97 -1.46
C ASP B 274 -23.16 -3.25 0.05
N ALA B 275 -24.27 -3.70 0.62
CA ALA B 275 -24.39 -3.81 2.06
C ALA B 275 -23.36 -4.81 2.63
N ALA B 276 -23.13 -5.89 1.88
CA ALA B 276 -22.21 -6.90 2.33
C ALA B 276 -20.77 -6.36 2.27
N GLN B 277 -20.43 -5.60 1.24
CA GLN B 277 -19.06 -5.06 1.18
C GLN B 277 -18.83 -4.07 2.33
N LEU B 278 -19.87 -3.27 2.62
CA LEU B 278 -19.83 -2.32 3.76
C LEU B 278 -19.67 -3.03 5.06
N GLU B 279 -20.36 -4.16 5.19
CA GLU B 279 -20.21 -5.01 6.38
C GLU B 279 -18.77 -5.50 6.56
N LYS B 280 -18.11 -5.96 5.49
CA LYS B 280 -16.73 -6.42 5.60
C LYS B 280 -15.85 -5.23 5.99
N LEU B 281 -16.13 -4.04 5.48
CA LEU B 281 -15.32 -2.87 5.86
C LEU B 281 -15.52 -2.45 7.30
N ALA B 282 -16.73 -2.65 7.81
CA ALA B 282 -17.03 -2.40 9.22
C ALA B 282 -16.35 -3.37 10.17
N ALA B 283 -16.29 -4.65 9.82
CA ALA B 283 -15.70 -5.67 10.72
C ALA B 283 -14.37 -5.24 11.44
N PRO B 284 -13.27 -4.97 10.68
CA PRO B 284 -12.00 -4.66 11.35
C PRO B 284 -11.92 -3.29 12.07
N LEU B 285 -12.96 -2.46 11.96
CA LEU B 285 -13.06 -1.19 12.65
C LEU B 285 -14.14 -1.17 13.73
N ALA B 286 -14.60 -2.35 14.18
CA ALA B 286 -15.77 -2.54 15.09
C ALA B 286 -15.62 -2.05 16.54
N LYS B 287 -14.40 -1.84 17.00
CA LYS B 287 -14.15 -1.47 18.37
C LYS B 287 -13.94 0.04 18.52
N ASN B 288 -14.05 0.78 17.41
CA ASN B 288 -14.13 2.26 17.48
C ASN B 288 -15.47 2.77 16.95
N GLY B 289 -15.76 4.03 17.27
CA GLY B 289 -16.91 4.75 16.76
C GLY B 289 -17.08 4.67 15.25
N TYR B 290 -15.98 4.66 14.50
CA TYR B 290 -16.06 4.72 13.04
C TYR B 290 -16.71 3.49 12.42
N GLY B 291 -16.25 2.31 12.80
CA GLY B 291 -16.86 1.04 12.36
C GLY B 291 -18.27 0.83 12.88
N GLN B 292 -18.51 1.20 14.14
CA GLN B 292 -19.86 1.18 14.71
C GLN B 292 -20.75 2.07 13.85
N TYR B 293 -20.22 3.25 13.46
CA TYR B 293 -20.97 4.14 12.56
C TYR B 293 -21.36 3.45 11.26
N LEU B 294 -20.37 2.91 10.56
CA LEU B 294 -20.60 2.16 9.31
C LEU B 294 -21.58 0.99 9.47
N LYS B 295 -21.50 0.29 10.61
CA LYS B 295 -22.41 -0.83 10.90
C LYS B 295 -23.85 -0.32 11.05
N ARG B 296 -24.07 0.71 11.85
CA ARG B 296 -25.38 1.40 11.93
C ARG B 296 -25.97 1.79 10.56
N LEU B 297 -25.12 2.18 9.62
CA LEU B 297 -25.58 2.56 8.31
C LEU B 297 -26.22 1.38 7.56
N LEU B 298 -25.87 0.15 7.94
CA LEU B 298 -26.50 -1.02 7.35
C LEU B 298 -28.01 -1.10 7.58
N THR B 299 -28.48 -0.61 8.72
CA THR B 299 -29.89 -0.70 9.10
C THR B 299 -30.61 0.62 9.43
N GLU B 300 -29.97 1.78 9.27
CA GLU B 300 -30.68 3.05 9.46
C GLU B 300 -31.02 3.72 8.14
N THR B 301 -32.26 4.13 7.98
CA THR B 301 -32.59 5.06 6.90
C THR B 301 -32.16 6.46 7.29
N VAL B 302 -31.31 7.05 6.45
CA VAL B 302 -30.81 8.41 6.61
C VAL B 302 -31.23 9.24 5.38
N TYR B 303 -32.02 10.29 5.58
CA TYR B 303 -32.54 11.11 4.43
C TYR B 303 -31.53 12.14 3.96
N HIS C 3 -12.35 4.32 -34.02
CA HIS C 3 -12.91 4.31 -32.63
C HIS C 3 -14.43 4.21 -32.59
N HIS C 4 -14.93 3.50 -31.60
CA HIS C 4 -16.37 3.24 -31.47
C HIS C 4 -16.79 3.63 -30.06
N HIS C 5 -17.89 4.38 -29.94
CA HIS C 5 -18.52 4.76 -28.66
C HIS C 5 -19.72 3.82 -28.34
N HIS C 6 -19.87 3.42 -27.05
CA HIS C 6 -20.97 2.54 -26.58
C HIS C 6 -21.72 3.12 -25.36
N LYS C 12 -24.11 -11.78 -37.36
CA LYS C 12 -22.89 -11.41 -36.60
C LYS C 12 -22.87 -11.87 -35.13
N ARG C 13 -21.66 -12.17 -34.65
CA ARG C 13 -21.51 -12.81 -33.33
C ARG C 13 -20.56 -12.04 -32.42
N LYS C 14 -21.00 -11.89 -31.17
CA LYS C 14 -20.19 -11.24 -30.15
C LYS C 14 -19.55 -12.24 -29.22
N GLY C 15 -18.41 -11.84 -28.68
CA GLY C 15 -17.67 -12.65 -27.73
C GLY C 15 -17.61 -12.06 -26.32
N ILE C 16 -17.60 -12.96 -25.34
CA ILE C 16 -17.37 -12.62 -23.96
C ILE C 16 -16.26 -13.49 -23.42
N ILE C 17 -15.34 -12.87 -22.66
CA ILE C 17 -14.32 -13.60 -21.91
C ILE C 17 -14.68 -13.39 -20.46
N LEU C 18 -14.99 -14.47 -19.78
CA LEU C 18 -15.29 -14.39 -18.38
C LEU C 18 -13.99 -14.62 -17.62
N ALA C 19 -13.40 -13.57 -17.04
CA ALA C 19 -12.09 -13.67 -16.40
C ALA C 19 -12.21 -13.18 -15.00
N GLY C 20 -13.05 -13.88 -14.23
CA GLY C 20 -13.47 -13.46 -12.92
C GLY C 20 -12.72 -14.24 -11.88
N GLY C 21 -13.18 -14.21 -10.64
CA GLY C 21 -12.37 -14.66 -9.50
C GLY C 21 -12.34 -16.15 -9.36
N SER C 22 -11.15 -16.72 -9.05
CA SER C 22 -11.02 -18.18 -8.73
C SER C 22 -11.13 -18.49 -7.22
N GLY C 23 -11.63 -17.52 -6.45
CA GLY C 23 -11.69 -17.65 -5.01
C GLY C 23 -10.29 -17.62 -4.41
N THR C 24 -10.09 -18.46 -3.40
CA THR C 24 -8.81 -18.57 -2.70
C THR C 24 -8.02 -19.84 -3.04
N ARG C 25 -8.39 -20.60 -4.08
CA ARG C 25 -7.74 -21.94 -4.27
C ARG C 25 -6.26 -21.92 -4.74
N LEU C 26 -5.84 -20.86 -5.45
CA LEU C 26 -4.42 -20.69 -5.83
C LEU C 26 -3.67 -19.62 -4.99
N HIS C 27 -4.27 -19.18 -3.89
CA HIS C 27 -3.59 -18.32 -2.93
C HIS C 27 -2.38 -19.11 -2.31
N PRO C 28 -1.25 -18.48 -2.10
CA PRO C 28 -1.06 -17.03 -2.19
C PRO C 28 -0.66 -16.50 -3.56
N ALA C 29 -0.49 -17.38 -4.55
CA ALA C 29 -0.03 -16.92 -5.86
C ALA C 29 -0.97 -15.90 -6.41
N THR C 30 -2.28 -16.13 -6.26
CA THR C 30 -3.30 -15.24 -6.83
C THR C 30 -3.86 -14.18 -5.88
N LEU C 31 -3.18 -13.94 -4.78
CA LEU C 31 -3.65 -13.01 -3.78
C LEU C 31 -3.53 -11.57 -4.33
N ALA C 32 -2.40 -11.30 -4.97
CA ALA C 32 -2.08 -9.98 -5.50
C ALA C 32 -2.76 -9.62 -6.78
N ILE C 33 -3.25 -10.61 -7.54
CA ILE C 33 -3.72 -10.39 -8.93
C ILE C 33 -4.44 -11.62 -9.42
N SER C 34 -5.49 -11.40 -10.21
CA SER C 34 -6.25 -12.53 -10.68
C SER C 34 -5.41 -13.30 -11.69
N LYS C 35 -5.77 -14.57 -11.71
CA LYS C 35 -5.12 -15.62 -12.45
C LYS C 35 -4.96 -15.33 -13.94
N GLN C 36 -5.98 -14.71 -14.55
CA GLN C 36 -6.05 -14.55 -16.00
C GLN C 36 -5.15 -13.43 -16.50
N LEU C 37 -4.52 -12.68 -15.57
CA LEU C 37 -3.44 -11.72 -15.90
C LEU C 37 -2.02 -12.23 -15.70
N LEU C 38 -1.87 -13.41 -15.09
CA LEU C 38 -0.60 -14.10 -14.99
C LEU C 38 -0.17 -14.74 -16.30
N PRO C 39 1.14 -14.78 -16.55
CA PRO C 39 1.65 -15.30 -17.81
C PRO C 39 1.52 -16.78 -17.90
N VAL C 40 1.15 -17.28 -19.08
CA VAL C 40 1.41 -18.67 -19.44
C VAL C 40 2.60 -18.59 -20.42
N TYR C 41 3.80 -18.93 -19.92
CA TYR C 41 5.11 -18.76 -20.62
C TYR C 41 5.45 -17.30 -20.96
N ASP C 42 5.21 -16.86 -22.19
CA ASP C 42 5.67 -15.56 -22.64
C ASP C 42 4.58 -14.47 -22.63
N LYS C 43 3.34 -14.85 -22.33
CA LYS C 43 2.21 -13.92 -22.47
C LYS C 43 1.12 -14.12 -21.41
N PRO C 44 0.34 -13.04 -21.15
CA PRO C 44 -0.75 -13.10 -20.18
C PRO C 44 -1.76 -14.16 -20.52
N MET C 45 -2.21 -14.93 -19.56
CA MET C 45 -3.15 -15.99 -19.78
C MET C 45 -4.31 -15.61 -20.69
N ILE C 46 -4.88 -14.42 -20.49
CA ILE C 46 -6.04 -13.97 -21.28
C ILE C 46 -5.80 -13.88 -22.80
N TYR C 47 -4.54 -13.70 -23.22
CA TYR C 47 -4.19 -13.67 -24.62
C TYR C 47 -4.69 -14.93 -25.31
N TYR C 48 -4.68 -16.06 -24.60
CA TYR C 48 -5.07 -17.34 -25.19
C TYR C 48 -6.56 -17.44 -25.55
N PRO C 49 -7.47 -17.20 -24.61
CA PRO C 49 -8.89 -17.15 -24.94
C PRO C 49 -9.28 -16.02 -25.83
N LEU C 50 -8.60 -14.87 -25.71
CA LEU C 50 -8.80 -13.81 -26.67
C LEU C 50 -8.49 -14.32 -28.08
N SER C 51 -7.33 -14.96 -28.19
CA SER C 51 -6.87 -15.50 -29.43
C SER C 51 -7.87 -16.55 -29.95
N THR C 52 -8.44 -17.38 -29.08
CA THR C 52 -9.48 -18.31 -29.49
C THR C 52 -10.70 -17.60 -30.13
N LEU C 53 -11.13 -16.50 -29.55
CA LEU C 53 -12.25 -15.78 -30.08
C LEU C 53 -11.92 -15.16 -31.42
N MET C 54 -10.73 -14.60 -31.53
CA MET C 54 -10.35 -13.97 -32.76
C MET C 54 -10.21 -15.02 -33.86
N LEU C 55 -9.77 -16.21 -33.49
CA LEU C 55 -9.66 -17.30 -34.45
C LEU C 55 -11.03 -17.74 -34.98
N ALA C 56 -12.02 -17.78 -34.08
CA ALA C 56 -13.45 -17.94 -34.44
C ALA C 56 -14.09 -16.77 -35.24
N GLY C 57 -13.34 -15.71 -35.52
CA GLY C 57 -13.74 -14.60 -36.35
C GLY C 57 -14.45 -13.51 -35.59
N ILE C 58 -14.42 -13.59 -34.26
CA ILE C 58 -15.16 -12.66 -33.40
C ILE C 58 -14.24 -11.45 -33.08
N ARG C 59 -14.74 -10.25 -33.32
CA ARG C 59 -13.97 -9.00 -33.14
C ARG C 59 -14.53 -8.05 -32.08
N GLU C 60 -15.86 -8.09 -31.85
CA GLU C 60 -16.52 -7.35 -30.78
C GLU C 60 -16.64 -8.26 -29.58
N ILE C 61 -16.00 -7.83 -28.50
CA ILE C 61 -15.69 -8.69 -27.39
C ILE C 61 -15.78 -7.94 -26.07
N LEU C 62 -16.54 -8.53 -25.13
CA LEU C 62 -16.65 -8.06 -23.76
C LEU C 62 -15.79 -8.86 -22.77
N ILE C 63 -14.96 -8.19 -22.00
CA ILE C 63 -14.10 -8.82 -21.00
C ILE C 63 -14.72 -8.54 -19.64
N ILE C 64 -15.14 -9.59 -18.96
CA ILE C 64 -15.70 -9.54 -17.62
C ILE C 64 -14.67 -10.02 -16.57
N SER C 65 -14.37 -9.16 -15.57
CA SER C 65 -13.45 -9.47 -14.47
C SER C 65 -13.98 -8.99 -13.13
N THR C 66 -13.27 -9.31 -12.05
CA THR C 66 -13.57 -8.74 -10.72
C THR C 66 -13.46 -7.21 -10.77
N PRO C 67 -14.19 -6.50 -9.87
CA PRO C 67 -14.05 -5.03 -9.77
C PRO C 67 -12.60 -4.51 -9.58
N GLN C 68 -11.82 -5.21 -8.76
CA GLN C 68 -10.43 -4.81 -8.55
C GLN C 68 -9.63 -4.84 -9.89
N ASP C 69 -9.79 -5.89 -10.66
CA ASP C 69 -8.91 -6.12 -11.80
C ASP C 69 -9.30 -5.56 -13.15
N THR C 70 -10.54 -5.08 -13.34
CA THR C 70 -10.91 -4.47 -14.63
C THR C 70 -9.91 -3.42 -15.10
N PRO C 71 -9.55 -2.43 -14.25
CA PRO C 71 -8.49 -1.46 -14.60
C PRO C 71 -7.26 -2.09 -15.19
N ARG C 72 -6.87 -3.24 -14.67
CA ARG C 72 -5.69 -3.91 -15.19
C ARG C 72 -5.95 -4.56 -16.55
N PHE C 73 -7.10 -5.22 -16.71
CA PHE C 73 -7.48 -5.72 -18.01
C PHE C 73 -7.61 -4.56 -18.98
N GLN C 74 -8.34 -3.52 -18.60
CA GLN C 74 -8.44 -2.32 -19.43
C GLN C 74 -7.09 -1.80 -19.89
N GLN C 75 -6.13 -1.80 -18.97
CA GLN C 75 -4.80 -1.31 -19.23
C GLN C 75 -4.04 -2.21 -20.19
N LEU C 76 -4.10 -3.51 -19.96
CA LEU C 76 -3.39 -4.44 -20.83
C LEU C 76 -3.83 -4.33 -22.30
N LEU C 77 -5.14 -4.44 -22.52
CA LEU C 77 -5.76 -4.62 -23.84
C LEU C 77 -6.37 -3.37 -24.51
N GLY C 78 -6.61 -2.30 -23.74
CA GLY C 78 -7.24 -1.08 -24.29
C GLY C 78 -8.63 -1.29 -24.91
N ASP C 79 -8.99 -0.38 -25.85
CA ASP C 79 -10.29 -0.50 -26.59
C ASP C 79 -10.28 -1.51 -27.77
N GLY C 80 -9.13 -2.16 -27.98
CA GLY C 80 -8.98 -3.21 -28.96
C GLY C 80 -8.52 -2.69 -30.31
N SER C 81 -8.60 -1.37 -30.52
CA SER C 81 -8.55 -0.79 -31.87
C SER C 81 -7.19 -1.00 -32.55
N ASN C 82 -6.10 -0.97 -31.76
CA ASN C 82 -4.77 -1.28 -32.28
C ASN C 82 -4.61 -2.71 -32.83
N TRP C 83 -5.51 -3.62 -32.45
CA TRP C 83 -5.54 -4.98 -33.01
C TRP C 83 -6.76 -5.29 -33.89
N GLY C 84 -7.46 -4.27 -34.37
CA GLY C 84 -8.70 -4.48 -35.13
C GLY C 84 -9.88 -5.09 -34.37
N LEU C 85 -9.88 -4.94 -33.05
CA LEU C 85 -10.99 -5.38 -32.23
C LEU C 85 -11.72 -4.19 -31.65
N ASP C 86 -12.90 -4.45 -31.12
CA ASP C 86 -13.75 -3.50 -30.37
C ASP C 86 -14.00 -4.16 -29.00
N LEU C 87 -13.19 -3.78 -28.01
CA LEU C 87 -13.30 -4.39 -26.70
C LEU C 87 -14.13 -3.49 -25.82
N GLN C 88 -14.86 -4.11 -24.91
CA GLN C 88 -15.60 -3.41 -23.85
C GLN C 88 -15.46 -4.23 -22.57
N TYR C 89 -15.72 -3.60 -21.44
CA TYR C 89 -15.41 -4.20 -20.16
C TYR C 89 -16.63 -4.17 -19.22
N ALA C 90 -16.77 -5.20 -18.41
CA ALA C 90 -17.79 -5.18 -17.37
C ALA C 90 -17.33 -6.00 -16.19
N VAL C 91 -18.08 -5.96 -15.09
CA VAL C 91 -17.62 -6.54 -13.81
C VAL C 91 -18.58 -7.60 -13.29
N GLN C 92 -18.03 -8.66 -12.74
CA GLN C 92 -18.79 -9.59 -11.93
C GLN C 92 -18.41 -9.30 -10.46
N PRO C 93 -19.32 -8.71 -9.65
CA PRO C 93 -18.94 -8.39 -8.24
C PRO C 93 -18.65 -9.58 -7.32
N SER C 94 -19.39 -10.69 -7.46
CA SER C 94 -19.12 -11.94 -6.74
C SER C 94 -19.10 -13.14 -7.72
N PRO C 95 -18.36 -14.21 -7.39
CA PRO C 95 -18.36 -15.39 -8.27
C PRO C 95 -19.63 -16.28 -8.10
N ASP C 96 -20.75 -15.83 -8.67
CA ASP C 96 -22.01 -16.49 -8.54
C ASP C 96 -22.40 -17.31 -9.79
N GLY C 97 -21.40 -17.85 -10.50
CA GLY C 97 -21.64 -18.79 -11.60
C GLY C 97 -21.31 -18.26 -12.97
N LEU C 98 -20.87 -19.14 -13.84
CA LEU C 98 -20.44 -18.72 -15.18
C LEU C 98 -21.58 -18.19 -16.06
N ALA C 99 -22.83 -18.58 -15.77
CA ALA C 99 -24.01 -18.14 -16.55
C ALA C 99 -24.37 -16.66 -16.32
N GLN C 100 -23.87 -16.14 -15.21
CA GLN C 100 -23.98 -14.73 -14.88
C GLN C 100 -23.34 -13.89 -15.98
N ALA C 101 -22.41 -14.46 -16.73
CA ALA C 101 -21.88 -13.76 -17.90
C ALA C 101 -22.96 -13.26 -18.84
N PHE C 102 -24.05 -14.02 -18.99
CA PHE C 102 -25.18 -13.59 -19.85
C PHE C 102 -26.10 -12.49 -19.26
N LEU C 103 -26.20 -12.43 -17.93
CA LEU C 103 -26.90 -11.33 -17.28
C LEU C 103 -26.05 -10.06 -17.33
N ILE C 104 -24.77 -10.13 -16.96
CA ILE C 104 -23.85 -8.98 -17.00
C ILE C 104 -23.75 -8.47 -18.42
N GLY C 105 -23.65 -9.40 -19.37
CA GLY C 105 -23.49 -9.03 -20.78
C GLY C 105 -24.75 -8.84 -21.59
N GLU C 106 -25.89 -8.82 -20.93
CA GLU C 106 -27.14 -8.75 -21.64
C GLU C 106 -27.16 -7.60 -22.62
N SER C 107 -26.93 -6.36 -22.18
CA SER C 107 -27.04 -5.22 -23.13
C SER C 107 -25.94 -5.19 -24.20
N PHE C 108 -24.77 -5.74 -23.87
CA PHE C 108 -23.68 -5.93 -24.83
C PHE C 108 -24.10 -6.90 -25.96
N ILE C 109 -24.75 -8.01 -25.58
CA ILE C 109 -25.24 -8.98 -26.56
C ILE C 109 -26.33 -8.40 -27.48
N GLY C 110 -27.28 -7.66 -26.92
CA GLY C 110 -28.39 -7.14 -27.66
C GLY C 110 -29.18 -8.30 -28.28
N ASN C 111 -29.39 -8.18 -29.58
CA ASN C 111 -30.15 -9.14 -30.32
C ASN C 111 -29.24 -10.09 -31.14
N ASP C 112 -27.95 -10.08 -30.87
CA ASP C 112 -26.98 -10.79 -31.70
C ASP C 112 -26.68 -12.20 -31.20
N LEU C 113 -25.91 -12.94 -32.00
CA LEU C 113 -25.34 -14.24 -31.61
C LEU C 113 -24.14 -14.01 -30.66
N SER C 114 -23.78 -15.02 -29.88
CA SER C 114 -22.75 -14.88 -28.88
C SER C 114 -21.90 -16.11 -28.66
N ALA C 115 -20.76 -15.90 -28.00
CA ALA C 115 -19.86 -16.98 -27.62
C ALA C 115 -19.12 -16.59 -26.34
N LEU C 116 -19.05 -17.54 -25.41
CA LEU C 116 -18.39 -17.34 -24.15
C LEU C 116 -17.18 -18.25 -24.12
N VAL C 117 -16.06 -17.68 -23.66
CA VAL C 117 -14.85 -18.44 -23.46
C VAL C 117 -14.38 -18.16 -22.03
N LEU C 118 -13.93 -19.20 -21.35
CA LEU C 118 -13.38 -18.95 -20.03
C LEU C 118 -12.00 -18.38 -20.22
N GLY C 119 -11.73 -17.42 -19.36
CA GLY C 119 -10.50 -16.63 -19.43
C GLY C 119 -9.25 -17.36 -19.03
N ASP C 120 -9.37 -18.59 -18.54
CA ASP C 120 -8.21 -19.45 -18.17
C ASP C 120 -8.20 -20.78 -18.96
N ASN C 121 -8.83 -20.78 -20.12
CA ASN C 121 -8.86 -21.96 -20.97
C ASN C 121 -7.88 -21.82 -22.15
N LEU C 122 -7.03 -22.85 -22.28
CA LEU C 122 -6.02 -22.90 -23.34
C LEU C 122 -6.33 -24.01 -24.33
N TYR C 123 -6.48 -23.63 -25.58
CA TYR C 123 -6.67 -24.61 -26.68
C TYR C 123 -5.48 -24.55 -27.60
N TYR C 124 -4.99 -25.71 -28.02
CA TYR C 124 -4.05 -25.82 -29.13
C TYR C 124 -4.41 -26.98 -30.06
N GLY C 125 -4.22 -26.76 -31.36
CA GLY C 125 -4.24 -27.85 -32.35
C GLY C 125 -4.51 -27.47 -33.80
N HIS C 126 -4.40 -28.47 -34.65
CA HIS C 126 -4.50 -28.27 -36.11
C HIS C 126 -5.97 -28.09 -36.58
N ASP C 127 -6.18 -27.19 -37.55
CA ASP C 127 -7.51 -26.98 -38.12
C ASP C 127 -8.46 -26.42 -37.03
N PHE C 128 -7.92 -25.66 -36.11
CA PHE C 128 -8.71 -25.12 -35.00
C PHE C 128 -9.57 -23.97 -35.51
N HIS C 129 -9.06 -23.21 -36.50
CA HIS C 129 -9.85 -22.18 -37.23
C HIS C 129 -11.15 -22.73 -37.86
N GLU C 130 -11.13 -23.98 -38.33
CA GLU C 130 -12.24 -24.62 -39.03
C GLU C 130 -13.21 -25.21 -38.04
N LEU C 131 -12.67 -25.82 -36.98
CA LEU C 131 -13.50 -26.37 -35.91
C LEU C 131 -14.42 -25.32 -35.21
N LEU C 132 -13.93 -24.08 -35.11
CA LEU C 132 -14.69 -22.96 -34.51
C LEU C 132 -15.61 -22.25 -35.50
N GLY C 133 -15.11 -22.04 -36.73
CA GLY C 133 -15.92 -21.53 -37.85
C GLY C 133 -17.14 -22.37 -38.21
N SER C 134 -17.07 -23.67 -37.91
CA SER C 134 -18.22 -24.57 -38.04
C SER C 134 -19.28 -24.28 -36.95
N ALA C 135 -18.84 -24.22 -35.69
CA ALA C 135 -19.76 -23.83 -34.60
C ALA C 135 -20.29 -22.40 -34.80
N SER C 136 -19.42 -21.47 -35.22
CA SER C 136 -19.76 -20.04 -35.41
C SER C 136 -20.79 -19.76 -36.51
N GLN C 137 -20.87 -20.68 -37.49
CA GLN C 137 -21.80 -20.59 -38.63
C GLN C 137 -23.19 -21.16 -38.33
N ARG C 138 -23.27 -22.17 -37.45
CA ARG C 138 -24.57 -22.69 -36.96
C ARG C 138 -25.32 -21.51 -36.30
N GLN C 139 -26.30 -20.93 -37.01
CA GLN C 139 -27.02 -19.71 -36.52
C GLN C 139 -28.16 -19.97 -35.50
N THR C 140 -28.54 -21.21 -35.27
CA THR C 140 -29.56 -21.52 -34.27
C THR C 140 -28.99 -22.53 -33.28
N GLY C 141 -29.57 -22.58 -32.10
CA GLY C 141 -29.09 -23.47 -31.06
C GLY C 141 -27.74 -23.04 -30.46
N ALA C 142 -27.21 -23.93 -29.62
CA ALA C 142 -25.91 -23.79 -29.00
C ALA C 142 -24.97 -24.89 -29.51
N SER C 143 -23.68 -24.58 -29.53
CA SER C 143 -22.62 -25.52 -29.85
C SER C 143 -21.59 -25.51 -28.70
N VAL C 144 -21.30 -26.70 -28.19
CA VAL C 144 -20.29 -26.91 -27.18
C VAL C 144 -19.26 -27.94 -27.71
N PHE C 145 -18.18 -28.17 -26.95
CA PHE C 145 -17.17 -29.19 -27.25
C PHE C 145 -16.92 -30.15 -26.07
N ALA C 146 -16.85 -31.44 -26.35
CA ALA C 146 -16.60 -32.48 -25.34
C ALA C 146 -15.20 -33.05 -25.55
N TYR C 147 -14.42 -33.21 -24.47
CA TYR C 147 -13.01 -33.64 -24.61
C TYR C 147 -12.72 -34.66 -23.56
N HIS C 148 -12.07 -35.75 -23.95
CA HIS C 148 -11.80 -36.82 -23.01
C HIS C 148 -10.73 -36.36 -22.01
N VAL C 149 -11.01 -36.54 -20.73
CA VAL C 149 -10.11 -36.15 -19.64
C VAL C 149 -10.06 -37.26 -18.62
N LEU C 150 -9.03 -37.23 -17.77
CA LEU C 150 -8.84 -38.23 -16.74
C LEU C 150 -9.80 -38.06 -15.56
N ASP C 151 -10.15 -36.80 -15.26
CA ASP C 151 -10.83 -36.39 -14.05
C ASP C 151 -12.12 -35.63 -14.40
N PRO C 152 -13.10 -36.35 -14.98
CA PRO C 152 -14.30 -35.67 -15.43
C PRO C 152 -15.17 -35.13 -14.30
N GLU C 153 -15.09 -35.67 -13.07
CA GLU C 153 -15.77 -35.08 -11.83
C GLU C 153 -15.61 -33.57 -11.63
N ARG C 154 -14.52 -32.99 -12.15
CA ARG C 154 -14.25 -31.54 -11.99
C ARG C 154 -15.07 -30.67 -12.93
N TYR C 155 -15.76 -31.28 -13.90
CA TYR C 155 -16.34 -30.57 -15.01
C TYR C 155 -17.82 -30.89 -15.26
N GLY C 156 -18.40 -30.20 -16.22
CA GLY C 156 -19.68 -30.63 -16.81
C GLY C 156 -19.43 -31.82 -17.71
N VAL C 157 -20.08 -32.93 -17.40
CA VAL C 157 -19.86 -34.21 -18.03
C VAL C 157 -20.96 -34.62 -19.02
N VAL C 158 -20.59 -34.96 -20.25
CA VAL C 158 -21.56 -35.43 -21.26
C VAL C 158 -21.73 -36.96 -21.24
N GLU C 159 -22.96 -37.44 -21.21
CA GLU C 159 -23.24 -38.87 -21.45
C GLU C 159 -23.81 -39.03 -22.85
N PHE C 160 -23.24 -39.98 -23.58
CA PHE C 160 -23.72 -40.35 -24.91
C PHE C 160 -24.44 -41.73 -24.90
N ASP C 161 -25.37 -41.91 -25.85
CA ASP C 161 -26.00 -43.25 -26.13
C ASP C 161 -25.12 -44.02 -27.10
N GLN C 162 -25.47 -45.28 -27.40
CA GLN C 162 -24.64 -46.13 -28.28
C GLN C 162 -24.42 -45.60 -29.69
N GLY C 163 -25.34 -44.78 -30.19
CA GLY C 163 -25.17 -44.12 -31.50
C GLY C 163 -24.37 -42.82 -31.47
N GLY C 164 -23.81 -42.51 -30.30
CA GLY C 164 -22.98 -41.33 -30.11
C GLY C 164 -23.78 -40.04 -30.15
N LYS C 165 -24.87 -40.00 -29.37
CA LYS C 165 -25.75 -38.82 -29.28
C LYS C 165 -25.76 -38.40 -27.82
N ALA C 166 -25.60 -37.10 -27.56
CA ALA C 166 -25.57 -36.57 -26.20
C ALA C 166 -26.98 -36.70 -25.59
N ILE C 167 -27.10 -37.35 -24.42
CA ILE C 167 -28.39 -37.53 -23.76
C ILE C 167 -28.50 -36.94 -22.35
N SER C 168 -27.39 -36.64 -21.69
CA SER C 168 -27.45 -35.90 -20.44
C SER C 168 -26.16 -35.07 -20.20
N LEU C 169 -26.30 -34.02 -19.38
CA LEU C 169 -25.20 -33.21 -18.90
C LEU C 169 -25.33 -33.17 -17.40
N GLU C 170 -24.21 -33.33 -16.69
CA GLU C 170 -24.20 -33.19 -15.25
C GLU C 170 -22.96 -32.42 -14.80
N GLU C 171 -23.19 -31.41 -13.94
CA GLU C 171 -22.12 -30.59 -13.40
C GLU C 171 -21.51 -31.23 -12.16
N LYS C 172 -20.22 -31.52 -12.24
CA LYS C 172 -19.44 -32.09 -11.15
C LYS C 172 -20.10 -33.33 -10.48
N PRO C 173 -20.41 -34.35 -11.29
CA PRO C 173 -21.06 -35.55 -10.74
C PRO C 173 -20.10 -36.34 -9.86
N LEU C 174 -20.61 -36.93 -8.79
CA LEU C 174 -19.82 -37.82 -7.91
C LEU C 174 -19.43 -39.14 -8.61
N GLU C 175 -20.24 -39.55 -9.58
CA GLU C 175 -20.02 -40.75 -10.36
C GLU C 175 -20.22 -40.38 -11.84
N PRO C 176 -19.15 -39.88 -12.50
CA PRO C 176 -19.41 -39.37 -13.87
C PRO C 176 -19.86 -40.50 -14.79
N LYS C 177 -20.67 -40.14 -15.79
CA LYS C 177 -21.23 -41.10 -16.73
C LYS C 177 -20.29 -41.45 -17.93
N SER C 178 -19.36 -40.58 -18.27
CA SER C 178 -18.29 -40.88 -19.22
C SER C 178 -17.07 -40.09 -18.76
N ASN C 179 -15.99 -40.08 -19.57
CA ASN C 179 -14.80 -39.26 -19.32
C ASN C 179 -14.79 -38.04 -20.19
N TYR C 180 -15.96 -37.72 -20.74
CA TYR C 180 -16.13 -36.56 -21.58
C TYR C 180 -16.63 -35.32 -20.83
N ALA C 181 -15.82 -34.26 -20.94
CA ALA C 181 -16.01 -33.02 -20.22
C ALA C 181 -16.22 -31.87 -21.18
N VAL C 182 -17.13 -30.97 -20.81
CA VAL C 182 -17.43 -29.82 -21.63
C VAL C 182 -16.33 -28.79 -21.46
N THR C 183 -15.73 -28.36 -22.55
CA THR C 183 -14.61 -27.43 -22.46
C THR C 183 -15.15 -26.02 -22.24
N GLY C 184 -14.27 -25.05 -21.95
CA GLY C 184 -14.71 -23.67 -21.60
C GLY C 184 -14.88 -22.77 -22.79
N LEU C 185 -15.63 -23.23 -23.77
CA LEU C 185 -15.90 -22.50 -25.00
C LEU C 185 -17.30 -22.87 -25.45
N TYR C 186 -18.15 -21.87 -25.56
CA TYR C 186 -19.57 -22.04 -25.83
C TYR C 186 -20.09 -21.01 -26.88
N PHE C 187 -20.86 -21.52 -27.83
CA PHE C 187 -21.49 -20.68 -28.88
C PHE C 187 -22.99 -20.82 -28.66
N TYR C 188 -23.69 -19.68 -28.71
CA TYR C 188 -25.12 -19.60 -28.42
C TYR C 188 -25.80 -18.72 -29.41
N ASP C 189 -27.07 -18.98 -29.61
CA ASP C 189 -27.92 -18.14 -30.48
C ASP C 189 -28.55 -17.03 -29.63
N GLN C 190 -29.61 -16.38 -30.13
CA GLN C 190 -30.35 -15.34 -29.38
C GLN C 190 -31.19 -15.78 -28.17
N GLN C 191 -31.23 -17.07 -27.84
CA GLN C 191 -31.99 -17.54 -26.68
C GLN C 191 -31.28 -17.54 -25.34
N VAL C 192 -29.96 -17.36 -25.31
CA VAL C 192 -29.19 -17.66 -24.09
C VAL C 192 -29.46 -16.67 -22.99
N VAL C 193 -29.58 -15.41 -23.36
CA VAL C 193 -29.84 -14.37 -22.37
C VAL C 193 -31.13 -14.70 -21.60
N ASP C 194 -32.22 -14.95 -22.33
CA ASP C 194 -33.53 -15.28 -21.74
C ASP C 194 -33.56 -16.58 -20.95
N ILE C 195 -32.72 -17.56 -21.31
CA ILE C 195 -32.55 -18.81 -20.53
C ILE C 195 -31.78 -18.48 -19.28
N ALA C 196 -30.77 -17.62 -19.37
CA ALA C 196 -29.96 -17.23 -18.18
C ALA C 196 -30.78 -16.47 -17.15
N ARG C 197 -31.60 -15.53 -17.60
CA ARG C 197 -32.54 -14.82 -16.71
C ARG C 197 -33.47 -15.76 -15.96
N ASP C 198 -33.88 -16.87 -16.54
CA ASP C 198 -34.80 -17.77 -15.83
C ASP C 198 -34.11 -18.73 -14.90
N LEU C 199 -32.78 -18.80 -14.91
CA LEU C 199 -32.08 -19.70 -14.01
C LEU C 199 -32.22 -19.36 -12.53
N LYS C 200 -32.26 -20.43 -11.73
CA LYS C 200 -32.20 -20.36 -10.28
C LYS C 200 -30.81 -20.83 -9.86
N PRO C 201 -30.29 -20.32 -8.72
CA PRO C 201 -29.05 -20.88 -8.17
C PRO C 201 -29.12 -22.37 -7.84
N SER C 202 -28.03 -23.08 -8.08
CA SER C 202 -27.88 -24.51 -7.76
C SER C 202 -27.72 -24.70 -6.25
N PRO C 203 -27.69 -25.97 -5.76
CA PRO C 203 -27.26 -26.26 -4.37
C PRO C 203 -25.94 -25.60 -3.91
N ARG C 204 -25.03 -25.31 -4.86
CA ARG C 204 -23.76 -24.61 -4.59
C ARG C 204 -23.82 -23.07 -4.59
N GLY C 205 -25.01 -22.50 -4.82
CA GLY C 205 -25.22 -21.05 -4.84
C GLY C 205 -24.71 -20.38 -6.10
N GLU C 206 -24.78 -21.10 -7.24
CA GLU C 206 -24.33 -20.56 -8.54
C GLU C 206 -25.35 -20.68 -9.71
N LEU C 207 -25.35 -19.67 -10.58
CA LEU C 207 -25.95 -19.75 -11.89
C LEU C 207 -25.02 -20.57 -12.83
N GLU C 208 -25.44 -21.81 -13.06
CA GLU C 208 -24.67 -22.84 -13.74
C GLU C 208 -24.77 -22.73 -15.25
N ILE C 209 -23.63 -22.65 -15.93
CA ILE C 209 -23.62 -22.74 -17.38
C ILE C 209 -24.16 -24.12 -17.83
N THR C 210 -23.93 -25.16 -17.04
CA THR C 210 -24.47 -26.48 -17.38
C THR C 210 -25.99 -26.52 -17.47
N ASP C 211 -26.68 -25.72 -16.62
CA ASP C 211 -28.11 -25.55 -16.72
C ASP C 211 -28.48 -24.85 -18.02
N VAL C 212 -27.73 -23.82 -18.44
CA VAL C 212 -27.98 -23.18 -19.75
C VAL C 212 -27.96 -24.22 -20.85
N ASN C 213 -26.90 -25.02 -20.85
CA ASN C 213 -26.66 -26.02 -21.88
C ASN C 213 -27.65 -27.21 -21.81
N ARG C 214 -28.12 -27.60 -20.61
CA ARG C 214 -29.16 -28.63 -20.50
C ARG C 214 -30.49 -28.11 -21.09
N ALA C 215 -30.77 -26.81 -20.94
CA ALA C 215 -31.95 -26.23 -21.56
C ALA C 215 -31.92 -26.36 -23.06
N TYR C 216 -30.75 -26.23 -23.68
CA TYR C 216 -30.66 -26.44 -25.12
C TYR C 216 -30.77 -27.95 -25.44
N LEU C 217 -30.19 -28.80 -24.57
CA LEU C 217 -30.24 -30.25 -24.75
C LEU C 217 -31.69 -30.76 -24.69
N GLU C 218 -32.39 -30.39 -23.62
CA GLU C 218 -33.84 -30.67 -23.49
C GLU C 218 -34.70 -30.25 -24.73
N ARG C 219 -34.35 -29.14 -25.41
CA ARG C 219 -35.01 -28.72 -26.65
C ARG C 219 -34.44 -29.38 -27.94
N GLY C 220 -33.48 -30.30 -27.81
CA GLY C 220 -32.80 -30.87 -28.96
C GLY C 220 -31.96 -29.87 -29.73
N GLN C 221 -31.59 -28.74 -29.10
CA GLN C 221 -30.89 -27.69 -29.83
C GLN C 221 -29.41 -27.57 -29.43
N LEU C 222 -28.88 -28.54 -28.66
CA LEU C 222 -27.43 -28.57 -28.31
C LEU C 222 -26.60 -29.41 -29.26
N SER C 223 -25.70 -28.76 -30.00
CA SER C 223 -24.69 -29.53 -30.72
C SER C 223 -23.44 -29.74 -29.81
N VAL C 224 -23.15 -30.99 -29.48
CA VAL C 224 -21.96 -31.42 -28.73
C VAL C 224 -21.00 -32.07 -29.72
N GLU C 225 -20.03 -31.30 -30.21
CA GLU C 225 -18.97 -31.84 -31.06
C GLU C 225 -17.77 -32.39 -30.24
N ILE C 226 -17.25 -33.53 -30.66
CA ILE C 226 -16.07 -34.10 -30.01
C ILE C 226 -14.81 -33.31 -30.37
N MET C 227 -14.11 -32.81 -29.37
CA MET C 227 -12.78 -32.20 -29.59
C MET C 227 -11.79 -33.34 -29.40
N GLY C 228 -11.15 -33.75 -30.49
CA GLY C 228 -10.36 -34.96 -30.52
C GLY C 228 -9.06 -34.94 -29.72
N ARG C 229 -8.62 -36.12 -29.31
CA ARG C 229 -7.36 -36.31 -28.58
C ARG C 229 -6.13 -35.60 -29.20
N GLY C 230 -6.17 -35.39 -30.51
CA GLY C 230 -5.16 -34.60 -31.18
C GLY C 230 -5.18 -33.10 -30.97
N TYR C 231 -6.12 -32.63 -30.16
CA TYR C 231 -6.19 -31.25 -29.70
C TYR C 231 -5.72 -31.22 -28.25
N ALA C 232 -5.03 -30.18 -27.87
CA ALA C 232 -4.71 -29.95 -26.46
C ALA C 232 -5.68 -28.91 -25.83
N TRP C 233 -6.47 -29.35 -24.86
CA TRP C 233 -7.20 -28.46 -23.99
C TRP C 233 -6.45 -28.43 -22.67
N LEU C 234 -5.69 -27.36 -22.41
CA LEU C 234 -4.75 -27.39 -21.28
C LEU C 234 -5.39 -26.91 -19.98
N ASP C 235 -5.05 -27.69 -18.94
CA ASP C 235 -5.55 -27.50 -17.58
C ASP C 235 -4.84 -26.32 -16.92
N THR C 236 -5.59 -25.30 -16.50
CA THR C 236 -5.03 -24.23 -15.65
C THR C 236 -5.51 -24.17 -14.18
N GLY C 237 -6.12 -25.24 -13.69
CA GLY C 237 -6.76 -25.24 -12.37
C GLY C 237 -5.89 -25.33 -11.11
N THR C 238 -4.68 -25.89 -11.27
CA THR C 238 -3.73 -26.12 -10.17
C THR C 238 -2.36 -25.47 -10.48
N HIS C 239 -1.57 -25.25 -9.44
CA HIS C 239 -0.20 -24.77 -9.61
C HIS C 239 0.55 -25.68 -10.54
N ASP C 240 0.36 -26.99 -10.40
CA ASP C 240 1.03 -28.03 -11.20
C ASP C 240 0.57 -27.93 -12.65
N SER C 241 -0.73 -27.73 -12.84
CA SER C 241 -1.24 -27.67 -14.19
C SER C 241 -0.88 -26.35 -14.96
N LEU C 242 -0.75 -25.24 -14.26
CA LEU C 242 -0.19 -23.98 -14.81
C LEU C 242 1.21 -24.14 -15.36
N LEU C 243 2.01 -24.83 -14.58
CA LEU C 243 3.40 -25.13 -14.89
C LEU C 243 3.53 -25.94 -16.19
N GLU C 244 2.88 -27.11 -16.23
CA GLU C 244 2.71 -27.93 -17.47
C GLU C 244 2.29 -27.12 -18.68
N ALA C 245 1.38 -26.19 -18.50
CA ALA C 245 0.87 -25.41 -19.62
C ALA C 245 1.95 -24.52 -20.22
N GLY C 246 2.71 -23.83 -19.36
CA GLY C 246 3.85 -23.00 -19.78
C GLY C 246 4.97 -23.83 -20.39
N GLN C 247 5.23 -25.00 -19.84
CA GLN C 247 6.12 -25.98 -20.43
C GLN C 247 5.64 -26.41 -21.85
N PHE C 248 4.32 -26.55 -21.99
CA PHE C 248 3.71 -27.05 -23.24
C PHE C 248 3.83 -25.97 -24.30
N ILE C 249 3.41 -24.77 -23.99
CA ILE C 249 3.56 -23.67 -24.89
C ILE C 249 5.02 -23.41 -25.25
N ALA C 250 5.95 -23.46 -24.30
CA ALA C 250 7.36 -23.15 -24.57
C ALA C 250 7.98 -24.15 -25.54
N THR C 251 7.71 -25.41 -25.32
CA THR C 251 8.16 -26.47 -26.22
C THR C 251 7.65 -26.32 -27.69
N LEU C 252 6.40 -25.91 -27.86
CA LEU C 252 5.88 -25.60 -29.19
C LEU C 252 6.50 -24.36 -29.80
N GLU C 253 6.67 -23.30 -29.04
CA GLU C 253 7.24 -22.09 -29.59
C GLU C 253 8.76 -22.19 -29.85
N ASN C 254 9.48 -22.94 -29.01
CA ASN C 254 10.91 -23.07 -29.21
C ASN C 254 11.30 -24.00 -30.35
N ARG C 255 10.47 -25.01 -30.58
CA ARG C 255 10.68 -25.94 -31.66
C ARG C 255 10.43 -25.27 -32.99
N GLN C 256 9.35 -24.50 -33.05
CA GLN C 256 8.80 -23.95 -34.29
C GLN C 256 9.33 -22.61 -34.73
N GLY C 257 9.81 -21.80 -33.79
CA GLY C 257 10.01 -20.36 -34.04
C GLY C 257 8.71 -19.68 -34.43
N LEU C 258 7.58 -20.21 -33.97
CA LEU C 258 6.23 -19.66 -34.21
C LEU C 258 5.53 -19.57 -32.84
N LYS C 259 4.77 -18.50 -32.58
CA LYS C 259 3.99 -18.35 -31.34
C LYS C 259 2.58 -18.93 -31.43
N VAL C 260 2.07 -19.35 -30.28
CA VAL C 260 0.71 -19.77 -30.08
C VAL C 260 -0.01 -18.56 -29.47
N ALA C 261 -1.18 -18.20 -30.03
CA ALA C 261 -2.08 -17.18 -29.44
C ALA C 261 -1.39 -15.84 -29.29
N CYS C 262 -0.75 -15.39 -30.36
CA CYS C 262 -0.19 -14.04 -30.46
C CYS C 262 -1.28 -13.18 -31.12
N PRO C 263 -2.01 -12.36 -30.33
CA PRO C 263 -3.16 -11.65 -30.92
C PRO C 263 -2.80 -10.70 -32.05
N GLU C 264 -1.63 -10.05 -32.00
CA GLU C 264 -1.26 -9.15 -33.10
C GLU C 264 -1.09 -9.95 -34.40
N GLU C 265 -0.50 -11.16 -34.31
CA GLU C 265 -0.33 -12.02 -35.48
C GLU C 265 -1.69 -12.46 -36.04
N ILE C 266 -2.60 -12.93 -35.18
CA ILE C 266 -3.92 -13.41 -35.60
C ILE C 266 -4.68 -12.28 -36.29
N ALA C 267 -4.69 -11.12 -35.68
CA ALA C 267 -5.26 -9.93 -36.31
C ALA C 267 -4.70 -9.74 -37.69
N TYR C 268 -3.37 -9.86 -37.80
CA TYR C 268 -2.72 -9.63 -39.08
C TYR C 268 -3.13 -10.67 -40.12
N ARG C 269 -3.29 -11.92 -39.72
CA ARG C 269 -3.64 -12.97 -40.67
C ARG C 269 -5.10 -12.89 -41.11
N GLN C 270 -5.99 -12.45 -40.21
CA GLN C 270 -7.40 -12.16 -40.54
C GLN C 270 -7.58 -10.84 -41.33
N LYS C 271 -6.52 -10.04 -41.47
CA LYS C 271 -6.51 -8.77 -42.23
C LYS C 271 -7.31 -7.65 -41.55
N TRP C 272 -7.42 -7.74 -40.23
CA TRP C 272 -8.06 -6.74 -39.39
C TRP C 272 -7.12 -5.55 -39.12
N ILE C 273 -5.82 -5.79 -39.30
CA ILE C 273 -4.81 -4.73 -39.33
C ILE C 273 -3.92 -5.01 -40.53
N ASP C 274 -3.28 -3.96 -41.06
CA ASP C 274 -2.37 -4.10 -42.22
C ASP C 274 -0.91 -4.13 -41.78
N ALA C 275 -0.03 -4.40 -42.75
CA ALA C 275 1.43 -4.30 -42.57
C ALA C 275 1.87 -3.05 -41.79
N ALA C 276 1.33 -1.89 -42.17
CA ALA C 276 1.74 -0.62 -41.55
C ALA C 276 1.49 -0.65 -40.03
N GLN C 277 0.32 -1.14 -39.63
CA GLN C 277 -0.06 -1.19 -38.21
C GLN C 277 0.79 -2.26 -37.47
N LEU C 278 0.94 -3.46 -38.05
CA LEU C 278 1.73 -4.50 -37.39
C LEU C 278 3.11 -3.95 -37.04
N GLU C 279 3.71 -3.23 -37.99
CA GLU C 279 5.05 -2.61 -37.84
C GLU C 279 5.15 -1.66 -36.64
N LYS C 280 4.13 -0.83 -36.49
CA LYS C 280 4.00 0.08 -35.34
C LYS C 280 3.92 -0.69 -34.01
N LEU C 281 3.20 -1.81 -34.00
CA LEU C 281 3.08 -2.64 -32.80
C LEU C 281 4.34 -3.40 -32.45
N ALA C 282 5.14 -3.73 -33.46
CA ALA C 282 6.49 -4.22 -33.22
C ALA C 282 7.41 -3.21 -32.50
N ALA C 283 7.17 -1.89 -32.67
CA ALA C 283 8.15 -0.85 -32.27
C ALA C 283 8.48 -0.74 -30.78
N PRO C 284 7.47 -0.70 -29.88
CA PRO C 284 7.76 -0.63 -28.43
C PRO C 284 8.55 -1.81 -27.95
N LEU C 285 8.15 -3.00 -28.40
CA LEU C 285 8.76 -4.26 -27.98
C LEU C 285 10.02 -4.69 -28.77
N ALA C 286 10.51 -3.86 -29.71
CA ALA C 286 11.62 -4.20 -30.66
C ALA C 286 12.90 -4.81 -30.07
N LYS C 287 13.18 -4.49 -28.81
CA LYS C 287 14.38 -4.97 -28.11
C LYS C 287 14.22 -6.40 -27.53
N ASN C 288 12.99 -6.87 -27.32
CA ASN C 288 12.78 -8.27 -26.90
C ASN C 288 12.26 -9.21 -28.00
N GLY C 289 12.15 -10.49 -27.68
CA GLY C 289 11.76 -11.50 -28.66
C GLY C 289 10.38 -11.32 -29.28
N TYR C 290 9.45 -10.74 -28.51
CA TYR C 290 8.08 -10.69 -28.94
C TYR C 290 7.95 -9.60 -29.99
N GLY C 291 8.62 -8.46 -29.81
CA GLY C 291 8.72 -7.44 -30.89
C GLY C 291 9.49 -7.96 -32.11
N GLN C 292 10.54 -8.73 -31.85
CA GLN C 292 11.30 -9.37 -32.92
C GLN C 292 10.41 -10.32 -33.73
N TYR C 293 9.57 -11.10 -33.04
CA TYR C 293 8.66 -12.02 -33.69
C TYR C 293 7.75 -11.25 -34.61
N LEU C 294 7.15 -10.18 -34.09
CA LEU C 294 6.18 -9.44 -34.85
C LEU C 294 6.79 -8.77 -36.11
N LYS C 295 8.03 -8.28 -36.02
CA LYS C 295 8.71 -7.69 -37.19
C LYS C 295 9.00 -8.78 -38.24
N ARG C 296 9.57 -9.90 -37.79
CA ARG C 296 9.80 -11.05 -38.69
C ARG C 296 8.53 -11.44 -39.49
N LEU C 297 7.36 -11.37 -38.87
CA LEU C 297 6.10 -11.71 -39.55
C LEU C 297 5.78 -10.81 -40.77
N LEU C 298 6.35 -9.60 -40.82
CA LEU C 298 6.15 -8.71 -41.98
C LEU C 298 6.74 -9.26 -43.27
N THR C 299 7.93 -9.87 -43.16
CA THR C 299 8.70 -10.31 -44.32
C THR C 299 8.82 -11.85 -44.49
N GLU C 300 8.08 -12.64 -43.71
CA GLU C 300 8.13 -14.11 -43.82
C GLU C 300 6.76 -14.64 -44.21
N THR C 301 6.71 -15.59 -45.14
CA THR C 301 5.49 -16.31 -45.47
C THR C 301 5.39 -17.55 -44.55
N VAL C 302 4.27 -17.67 -43.82
CA VAL C 302 4.07 -18.78 -42.89
C VAL C 302 2.78 -19.43 -43.35
N TYR C 303 2.88 -20.67 -43.78
CA TYR C 303 1.73 -21.44 -44.24
C TYR C 303 0.92 -22.03 -43.10
N LYS D 12 21.86 9.28 39.42
CA LYS D 12 21.41 9.59 38.02
C LYS D 12 20.18 8.75 37.57
N ARG D 13 19.36 9.37 36.72
CA ARG D 13 18.02 8.87 36.43
C ARG D 13 17.76 8.82 34.94
N LYS D 14 17.46 7.63 34.44
CA LYS D 14 17.11 7.45 33.04
C LYS D 14 15.61 7.61 32.85
N GLY D 15 15.20 7.91 31.63
CA GLY D 15 13.78 8.09 31.27
C GLY D 15 13.24 7.11 30.26
N ILE D 16 11.96 6.77 30.41
CA ILE D 16 11.24 5.94 29.41
C ILE D 16 10.00 6.70 28.99
N ILE D 17 9.76 6.81 27.70
CA ILE D 17 8.49 7.28 27.17
C ILE D 17 7.80 6.06 26.63
N LEU D 18 6.63 5.71 27.20
CA LEU D 18 5.86 4.60 26.71
C LEU D 18 4.79 5.12 25.76
N ALA D 19 5.10 5.05 24.47
CA ALA D 19 4.23 5.44 23.38
C ALA D 19 3.50 4.21 22.90
N GLY D 20 2.57 3.74 23.72
CA GLY D 20 1.94 2.45 23.50
C GLY D 20 1.06 2.40 22.27
N GLY D 21 0.63 1.17 21.97
CA GLY D 21 -0.31 0.89 20.87
C GLY D 21 -1.71 1.29 21.32
N SER D 22 -2.38 2.12 20.51
CA SER D 22 -3.75 2.57 20.76
C SER D 22 -4.76 1.70 20.02
N GLY D 23 -4.30 0.63 19.38
CA GLY D 23 -5.20 -0.32 18.72
C GLY D 23 -5.92 0.37 17.56
N THR D 24 -7.24 0.22 17.50
CA THR D 24 -8.03 0.78 16.44
C THR D 24 -8.84 2.00 16.90
N ARG D 25 -8.62 2.45 18.13
CA ARG D 25 -9.51 3.43 18.77
C ARG D 25 -9.59 4.76 18.03
N LEU D 26 -8.48 5.18 17.42
CA LEU D 26 -8.34 6.47 16.74
C LEU D 26 -8.40 6.32 15.22
N HIS D 27 -8.75 5.15 14.73
CA HIS D 27 -8.89 4.95 13.30
C HIS D 27 -10.05 5.84 12.80
N PRO D 28 -9.97 6.35 11.56
CA PRO D 28 -8.88 6.09 10.60
C PRO D 28 -7.71 7.11 10.65
N ALA D 29 -7.71 8.02 11.62
CA ALA D 29 -6.64 8.99 11.76
C ALA D 29 -5.33 8.26 11.91
N THR D 30 -5.33 7.30 12.82
CA THR D 30 -4.17 6.44 13.05
C THR D 30 -3.97 5.25 12.08
N LEU D 31 -4.73 5.13 10.99
CA LEU D 31 -4.32 4.20 9.91
C LEU D 31 -3.06 4.67 9.18
N ALA D 32 -3.08 5.94 8.75
CA ALA D 32 -1.89 6.57 8.13
C ALA D 32 -0.68 6.67 9.08
N ILE D 33 -0.94 7.40 10.17
CA ILE D 33 0.04 8.03 11.02
C ILE D 33 0.03 7.37 12.42
N SER D 34 1.21 7.22 13.00
CA SER D 34 1.34 6.73 14.36
C SER D 34 0.73 7.74 15.35
N LYS D 35 -0.03 7.25 16.34
CA LYS D 35 -0.74 8.11 17.28
C LYS D 35 0.08 9.23 17.87
N GLN D 36 1.24 8.87 18.44
CA GLN D 36 2.10 9.80 19.17
C GLN D 36 2.89 10.69 18.21
N LEU D 37 2.65 10.51 16.92
CA LEU D 37 3.03 11.55 15.93
C LEU D 37 1.93 12.49 15.52
N LEU D 38 0.70 12.25 15.95
CA LEU D 38 -0.36 13.17 15.62
C LEU D 38 -0.01 14.47 16.28
N PRO D 39 -0.32 15.61 15.65
CA PRO D 39 0.10 16.85 16.29
C PRO D 39 -0.89 17.36 17.33
N VAL D 40 -0.34 17.88 18.43
CA VAL D 40 -1.09 18.70 19.38
C VAL D 40 -0.68 20.12 19.02
N TYR D 41 -1.62 20.79 18.34
CA TYR D 41 -1.46 22.09 17.74
C TYR D 41 -0.38 22.11 16.65
N ASP D 42 0.83 22.49 16.98
CA ASP D 42 1.88 22.74 16.01
C ASP D 42 3.01 21.70 16.03
N LYS D 43 2.94 20.72 16.92
CA LYS D 43 4.07 19.81 17.13
C LYS D 43 3.62 18.37 17.40
N PRO D 44 4.44 17.36 17.02
CA PRO D 44 3.99 15.97 17.26
C PRO D 44 3.79 15.68 18.75
N MET D 45 2.71 15.02 19.07
CA MET D 45 2.39 14.61 20.45
C MET D 45 3.59 14.20 21.28
N ILE D 46 4.48 13.38 20.73
CA ILE D 46 5.61 12.93 21.55
C ILE D 46 6.54 14.04 22.07
N TYR D 47 6.60 15.20 21.43
CA TYR D 47 7.40 16.31 21.97
C TYR D 47 7.02 16.74 23.38
N TYR D 48 5.77 16.48 23.76
CA TYR D 48 5.29 16.89 25.07
C TYR D 48 5.86 16.04 26.18
N PRO D 49 5.65 14.71 26.14
CA PRO D 49 6.32 13.88 27.14
C PRO D 49 7.86 13.91 27.09
N LEU D 50 8.44 14.02 25.90
CA LEU D 50 9.86 14.22 25.79
C LEU D 50 10.26 15.47 26.57
N SER D 51 9.53 16.55 26.34
CA SER D 51 9.82 17.81 26.98
C SER D 51 9.67 17.69 28.48
N THR D 52 8.69 16.91 28.95
CA THR D 52 8.53 16.67 30.36
C THR D 52 9.73 15.98 30.98
N LEU D 53 10.24 14.93 30.37
CA LEU D 53 11.45 14.32 30.87
C LEU D 53 12.61 15.28 30.81
N MET D 54 12.70 16.11 29.74
CA MET D 54 13.85 17.03 29.62
C MET D 54 13.81 18.01 30.77
N LEU D 55 12.60 18.38 31.15
CA LEU D 55 12.38 19.31 32.25
C LEU D 55 12.72 18.80 33.65
N ALA D 56 12.61 17.50 33.87
CA ALA D 56 13.14 16.84 35.05
C ALA D 56 14.65 16.53 35.01
N GLY D 57 15.41 17.08 34.05
CA GLY D 57 16.86 16.90 34.01
C GLY D 57 17.30 15.55 33.45
N ILE D 58 16.46 14.91 32.64
CA ILE D 58 16.73 13.55 32.14
C ILE D 58 17.12 13.61 30.67
N ARG D 59 18.34 13.19 30.36
CA ARG D 59 18.86 13.22 28.99
C ARG D 59 18.88 11.83 28.32
N GLU D 60 18.78 10.76 29.12
CA GLU D 60 18.94 9.39 28.61
C GLU D 60 17.61 8.72 28.64
N ILE D 61 17.05 8.46 27.46
CA ILE D 61 15.60 8.26 27.30
C ILE D 61 15.35 7.16 26.32
N LEU D 62 14.60 6.16 26.79
CA LEU D 62 14.20 5.01 25.98
C LEU D 62 12.74 5.18 25.49
N ILE D 63 12.54 5.22 24.18
CA ILE D 63 11.20 5.33 23.57
C ILE D 63 10.77 3.92 23.20
N ILE D 64 9.71 3.45 23.87
CA ILE D 64 9.08 2.17 23.58
C ILE D 64 7.79 2.41 22.79
N SER D 65 7.59 1.71 21.67
CA SER D 65 6.28 1.66 21.01
C SER D 65 6.10 0.39 20.18
N THR D 66 5.17 0.38 19.23
CA THR D 66 4.79 -0.84 18.55
C THR D 66 5.88 -1.21 17.56
N PRO D 67 5.79 -2.44 17.01
CA PRO D 67 6.76 -2.77 15.99
C PRO D 67 6.68 -1.86 14.75
N GLN D 68 5.49 -1.38 14.46
CA GLN D 68 5.24 -0.53 13.30
C GLN D 68 5.68 0.88 13.61
N ASP D 69 5.41 1.36 14.81
CA ASP D 69 5.64 2.76 15.14
C ASP D 69 7.05 3.16 15.61
N THR D 70 7.74 2.28 16.32
CA THR D 70 9.07 2.59 16.80
C THR D 70 9.99 3.13 15.70
N PRO D 71 10.11 2.42 14.55
CA PRO D 71 10.96 2.95 13.49
C PRO D 71 10.60 4.37 13.04
N ARG D 72 9.31 4.69 13.09
CA ARG D 72 8.84 6.03 12.73
C ARG D 72 9.33 7.05 13.78
N PHE D 73 9.28 6.70 15.06
CA PHE D 73 9.95 7.57 16.04
C PHE D 73 11.45 7.71 15.75
N GLN D 74 12.09 6.58 15.44
CA GLN D 74 13.54 6.57 15.11
C GLN D 74 13.84 7.53 13.98
N GLN D 75 13.09 7.40 12.89
CA GLN D 75 13.26 8.23 11.72
C GLN D 75 13.10 9.73 11.96
N LEU D 76 12.18 10.08 12.87
CA LEU D 76 11.92 11.45 13.26
C LEU D 76 13.04 12.01 14.14
N LEU D 77 13.27 11.34 15.29
CA LEU D 77 14.08 11.86 16.41
C LEU D 77 15.54 11.44 16.38
N GLY D 78 15.84 10.27 15.83
CA GLY D 78 17.21 9.79 15.73
C GLY D 78 17.77 9.48 17.09
N ASP D 79 19.06 9.71 17.30
CA ASP D 79 19.67 9.39 18.59
C ASP D 79 19.59 10.55 19.60
N GLY D 80 19.02 11.68 19.16
CA GLY D 80 18.88 12.83 20.02
C GLY D 80 20.10 13.73 20.18
N SER D 81 21.26 13.30 19.67
CA SER D 81 22.50 14.08 19.72
C SER D 81 22.31 15.55 19.37
N ASN D 82 21.49 15.83 18.37
CA ASN D 82 21.26 17.21 17.93
C ASN D 82 20.54 18.09 18.97
N TRP D 83 19.80 17.47 19.91
CA TRP D 83 19.25 18.21 21.05
C TRP D 83 19.97 17.95 22.36
N GLY D 84 21.16 17.37 22.30
CA GLY D 84 21.90 17.06 23.53
C GLY D 84 21.32 15.94 24.33
N LEU D 85 20.55 15.07 23.70
CA LEU D 85 20.01 13.88 24.37
C LEU D 85 20.72 12.60 23.95
N ASP D 86 20.33 11.55 24.64
CA ASP D 86 20.76 10.21 24.35
C ASP D 86 19.47 9.37 24.25
N LEU D 87 18.96 9.29 23.02
CA LEU D 87 17.73 8.54 22.73
C LEU D 87 18.02 7.11 22.23
N GLN D 88 17.35 6.14 22.84
CA GLN D 88 17.42 4.73 22.42
C GLN D 88 15.97 4.24 22.24
N TYR D 89 15.80 3.08 21.58
CA TYR D 89 14.48 2.58 21.22
C TYR D 89 14.31 1.09 21.50
N ALA D 90 13.11 0.70 21.89
CA ALA D 90 12.77 -0.70 22.10
C ALA D 90 11.31 -0.93 21.66
N VAL D 91 10.96 -2.17 21.32
CA VAL D 91 9.59 -2.45 20.91
C VAL D 91 8.81 -3.21 21.97
N GLN D 92 7.54 -2.86 22.10
CA GLN D 92 6.57 -3.67 22.83
C GLN D 92 5.73 -4.45 21.78
N PRO D 93 6.01 -5.76 21.60
CA PRO D 93 5.34 -6.63 20.61
C PRO D 93 3.84 -6.63 20.69
N SER D 94 3.30 -6.52 21.90
CA SER D 94 1.88 -6.59 22.14
C SER D 94 1.42 -5.67 23.27
N PRO D 95 0.24 -5.04 23.12
CA PRO D 95 -0.28 -4.16 24.19
C PRO D 95 -0.76 -4.95 25.42
N ASP D 96 0.21 -5.46 26.18
CA ASP D 96 -0.05 -6.36 27.33
C ASP D 96 0.15 -5.63 28.68
N GLY D 97 -0.06 -4.30 28.72
CA GLY D 97 0.09 -3.53 29.97
C GLY D 97 1.31 -2.64 30.08
N LEU D 98 1.17 -1.56 30.81
CA LEU D 98 2.19 -0.51 30.89
C LEU D 98 3.44 -0.94 31.68
N ALA D 99 3.27 -1.93 32.57
CA ALA D 99 4.37 -2.35 33.46
C ALA D 99 5.44 -3.11 32.68
N GLN D 100 5.09 -3.60 31.52
CA GLN D 100 6.08 -4.20 30.63
C GLN D 100 7.16 -3.24 30.22
N ALA D 101 6.93 -1.94 30.30
CA ALA D 101 8.00 -0.97 30.01
C ALA D 101 9.27 -1.35 30.74
N PHE D 102 9.12 -1.78 31.99
CA PHE D 102 10.28 -2.10 32.84
C PHE D 102 10.98 -3.41 32.49
N LEU D 103 10.23 -4.40 31.99
CA LEU D 103 10.80 -5.66 31.45
C LEU D 103 11.47 -5.42 30.11
N ILE D 104 10.75 -4.79 29.19
CA ILE D 104 11.31 -4.35 27.89
C ILE D 104 12.58 -3.48 28.11
N GLY D 105 12.54 -2.61 29.11
CA GLY D 105 13.58 -1.63 29.33
C GLY D 105 14.60 -1.97 30.38
N GLU D 106 14.58 -3.22 30.83
CA GLU D 106 15.51 -3.71 31.89
C GLU D 106 17.01 -3.41 31.66
N SER D 107 17.58 -3.88 30.57
CA SER D 107 19.00 -3.58 30.30
C SER D 107 19.30 -2.09 30.18
N PHE D 108 18.33 -1.30 29.65
CA PHE D 108 18.47 0.18 29.56
C PHE D 108 18.56 0.85 30.93
N ILE D 109 17.69 0.42 31.82
CA ILE D 109 17.67 0.92 33.19
C ILE D 109 19.02 0.56 33.84
N GLY D 110 19.41 -0.71 33.71
CA GLY D 110 20.58 -1.24 34.38
C GLY D 110 20.31 -1.17 35.86
N ASN D 111 21.24 -0.58 36.61
CA ASN D 111 21.11 -0.49 38.06
C ASN D 111 20.79 0.95 38.48
N ASP D 112 20.34 1.78 37.53
CA ASP D 112 20.03 3.18 37.80
C ASP D 112 18.55 3.40 38.16
N LEU D 113 18.27 4.63 38.58
CA LEU D 113 16.90 5.06 38.90
C LEU D 113 16.23 5.43 37.60
N SER D 114 14.91 5.36 37.58
CA SER D 114 14.16 5.64 36.35
C SER D 114 12.99 6.64 36.52
N ALA D 115 12.47 7.08 35.38
CA ALA D 115 11.20 7.80 35.31
C ALA D 115 10.46 7.29 34.07
N LEU D 116 9.16 7.01 34.24
CA LEU D 116 8.32 6.62 33.13
C LEU D 116 7.28 7.70 32.87
N VAL D 117 7.11 8.03 31.58
CA VAL D 117 6.06 8.95 31.18
C VAL D 117 5.23 8.37 30.02
N LEU D 118 3.91 8.52 30.06
CA LEU D 118 3.05 7.99 28.99
C LEU D 118 3.06 8.92 27.81
N GLY D 119 3.04 8.31 26.63
CA GLY D 119 3.27 9.01 25.35
C GLY D 119 2.23 10.06 25.02
N ASP D 120 1.04 9.94 25.60
CA ASP D 120 -0.06 10.86 25.27
C ASP D 120 -0.52 11.83 26.41
N ASN D 121 0.34 12.03 27.41
CA ASN D 121 0.07 12.98 28.50
C ASN D 121 0.85 14.26 28.35
N LEU D 122 0.11 15.33 28.61
CA LEU D 122 0.54 16.71 28.51
C LEU D 122 0.49 17.33 29.87
N TYR D 123 1.53 18.05 30.25
CA TYR D 123 1.54 18.84 31.50
C TYR D 123 1.79 20.32 31.20
N TYR D 124 1.11 21.23 31.92
CA TYR D 124 1.42 22.65 31.87
C TYR D 124 1.31 23.31 33.23
N GLY D 125 2.31 24.11 33.61
CA GLY D 125 2.14 24.98 34.79
C GLY D 125 3.36 25.67 35.35
N HIS D 126 3.14 26.52 36.33
CA HIS D 126 4.19 27.31 36.94
C HIS D 126 4.94 26.45 37.92
N ASP D 127 6.27 26.50 37.85
CA ASP D 127 7.16 25.76 38.78
C ASP D 127 7.08 24.23 38.60
N PHE D 128 6.76 23.80 37.39
CA PHE D 128 6.71 22.38 37.06
C PHE D 128 8.09 21.79 37.22
N HIS D 129 9.09 22.54 36.71
CA HIS D 129 10.51 22.24 36.91
C HIS D 129 10.78 21.83 38.34
N GLU D 130 10.36 22.67 39.30
CA GLU D 130 10.57 22.47 40.75
C GLU D 130 9.81 21.25 41.24
N LEU D 131 8.58 21.04 40.77
CA LEU D 131 7.81 19.87 41.17
C LEU D 131 8.49 18.55 40.73
N LEU D 132 9.00 18.53 39.51
CA LEU D 132 9.67 17.36 38.96
C LEU D 132 11.03 17.16 39.63
N GLY D 133 11.78 18.25 39.72
CA GLY D 133 13.03 18.32 40.49
C GLY D 133 12.94 17.63 41.85
N SER D 134 11.88 17.87 42.62
CA SER D 134 11.81 17.30 43.97
C SER D 134 11.50 15.79 43.99
N ALA D 135 10.75 15.29 43.04
CA ALA D 135 10.55 13.82 42.95
C ALA D 135 11.82 13.10 42.44
N SER D 136 12.55 13.73 41.54
CA SER D 136 13.77 13.08 41.01
C SER D 136 14.94 13.01 42.02
N GLN D 137 15.00 13.91 43.01
CA GLN D 137 16.01 13.83 44.08
C GLN D 137 15.79 12.61 44.97
N ARG D 138 14.52 12.27 45.20
CA ARG D 138 14.14 11.23 46.17
C ARG D 138 14.63 9.87 45.68
N GLN D 139 15.76 9.42 46.21
CA GLN D 139 16.51 8.27 45.68
C GLN D 139 16.06 6.89 46.18
N THR D 140 15.06 6.86 47.03
CA THR D 140 14.50 5.62 47.48
C THR D 140 13.00 5.69 47.24
N GLY D 141 12.43 4.54 46.92
CA GLY D 141 11.02 4.38 46.67
C GLY D 141 10.55 4.93 45.35
N ALA D 142 9.29 5.38 45.34
CA ALA D 142 8.58 5.78 44.14
C ALA D 142 7.84 7.08 44.38
N SER D 143 7.72 7.86 43.31
CA SER D 143 6.96 9.12 43.37
C SER D 143 6.03 9.24 42.18
N VAL D 144 4.75 9.41 42.49
CA VAL D 144 3.67 9.66 41.53
C VAL D 144 2.91 10.96 41.92
N PHE D 145 2.03 11.44 41.03
CA PHE D 145 1.23 12.64 41.27
C PHE D 145 -0.24 12.34 41.18
N ALA D 146 -1.00 12.96 42.07
CA ALA D 146 -2.46 12.84 42.16
C ALA D 146 -3.05 14.16 41.70
N TYR D 147 -4.04 14.11 40.82
CA TYR D 147 -4.64 15.29 40.21
C TYR D 147 -6.14 15.14 40.27
N HIS D 148 -6.83 16.14 40.80
CA HIS D 148 -8.27 16.09 40.86
C HIS D 148 -8.88 16.08 39.43
N VAL D 149 -9.73 15.10 39.13
CA VAL D 149 -10.41 15.02 37.83
C VAL D 149 -11.92 14.76 37.96
N LEU D 150 -12.63 15.00 36.85
CA LEU D 150 -14.06 14.72 36.77
C LEU D 150 -14.40 13.24 36.67
N ASP D 151 -13.57 12.46 35.97
CA ASP D 151 -13.89 11.05 35.63
C ASP D 151 -12.86 10.10 36.18
N PRO D 152 -12.70 10.09 37.51
CA PRO D 152 -11.69 9.23 38.11
C PRO D 152 -11.75 7.74 37.74
N GLU D 153 -12.91 7.24 37.29
CA GLU D 153 -13.07 5.84 36.82
C GLU D 153 -12.18 5.44 35.65
N ARG D 154 -11.69 6.41 34.89
CA ARG D 154 -10.86 6.10 33.74
C ARG D 154 -9.40 5.88 34.12
N TYR D 155 -9.05 6.00 35.40
CA TYR D 155 -7.66 6.07 35.85
C TYR D 155 -7.37 5.23 37.06
N GLY D 156 -6.08 5.12 37.36
CA GLY D 156 -5.65 4.75 38.70
C GLY D 156 -6.09 5.81 39.68
N VAL D 157 -6.74 5.40 40.77
CA VAL D 157 -7.29 6.31 41.74
C VAL D 157 -6.59 6.17 43.08
N VAL D 158 -6.28 7.30 43.72
CA VAL D 158 -5.67 7.32 45.06
C VAL D 158 -6.77 7.57 46.05
N GLU D 159 -6.64 6.97 47.23
CA GLU D 159 -7.54 7.24 48.35
C GLU D 159 -6.62 7.69 49.43
N PHE D 160 -7.00 8.76 50.10
CA PHE D 160 -6.25 9.28 51.18
C PHE D 160 -7.07 9.11 52.46
N ASP D 161 -6.39 9.08 53.62
CA ASP D 161 -7.04 9.11 54.94
C ASP D 161 -7.34 10.56 55.34
N GLN D 162 -7.85 10.78 56.55
CA GLN D 162 -8.23 12.10 56.99
C GLN D 162 -7.00 13.02 57.18
N GLY D 163 -5.82 12.42 57.37
CA GLY D 163 -4.56 13.14 57.44
C GLY D 163 -3.85 13.24 56.11
N GLY D 164 -4.52 12.86 55.02
CA GLY D 164 -4.01 13.15 53.69
C GLY D 164 -2.82 12.29 53.33
N LYS D 165 -2.88 11.02 53.73
CA LYS D 165 -1.89 10.00 53.47
C LYS D 165 -2.52 8.91 52.56
N ALA D 166 -1.77 8.43 51.56
CA ALA D 166 -2.32 7.45 50.60
C ALA D 166 -2.51 6.08 51.23
N ILE D 167 -3.69 5.49 51.07
CA ILE D 167 -4.04 4.17 51.65
C ILE D 167 -4.74 3.16 50.70
N SER D 168 -4.95 3.48 49.44
CA SER D 168 -5.37 2.47 48.43
C SER D 168 -5.17 3.02 47.03
N LEU D 169 -5.00 2.10 46.10
CA LEU D 169 -4.87 2.42 44.68
C LEU D 169 -5.68 1.39 43.93
N GLU D 170 -6.64 1.84 43.14
CA GLU D 170 -7.53 0.97 42.39
C GLU D 170 -7.49 1.41 40.94
N GLU D 171 -7.30 0.45 40.05
CA GLU D 171 -7.16 0.72 38.63
C GLU D 171 -8.55 0.68 37.99
N LYS D 172 -9.06 1.83 37.62
CA LYS D 172 -10.35 1.99 36.93
C LYS D 172 -11.50 1.35 37.71
N PRO D 173 -11.65 1.72 38.99
CA PRO D 173 -12.70 1.12 39.79
C PRO D 173 -14.05 1.56 39.26
N LEU D 174 -15.06 0.69 39.39
CA LEU D 174 -16.45 1.08 39.08
C LEU D 174 -17.02 2.06 40.14
N GLU D 175 -16.51 1.95 41.37
CA GLU D 175 -16.89 2.87 42.44
C GLU D 175 -15.67 3.60 43.06
N PRO D 176 -15.20 4.68 42.38
CA PRO D 176 -13.96 5.36 42.83
C PRO D 176 -14.05 5.93 44.23
N LYS D 177 -12.99 5.75 45.01
CA LYS D 177 -12.92 6.23 46.37
C LYS D 177 -12.55 7.73 46.49
N SER D 178 -11.98 8.32 45.45
CA SER D 178 -11.69 9.77 45.46
C SER D 178 -11.80 10.28 44.04
N ASN D 179 -11.61 11.57 43.89
CA ASN D 179 -11.55 12.18 42.56
C ASN D 179 -10.08 12.48 42.20
N TYR D 180 -9.16 11.76 42.81
CA TYR D 180 -7.76 11.95 42.58
C TYR D 180 -7.23 10.85 41.73
N ALA D 181 -6.81 11.21 40.52
CA ALA D 181 -6.27 10.28 39.52
C ALA D 181 -4.76 10.33 39.59
N VAL D 182 -4.07 9.20 39.41
CA VAL D 182 -2.60 9.17 39.37
C VAL D 182 -2.24 9.56 37.94
N THR D 183 -1.42 10.57 37.78
CA THR D 183 -1.18 11.07 36.44
C THR D 183 -0.17 10.10 35.79
N GLY D 184 0.13 10.29 34.51
CA GLY D 184 0.98 9.32 33.76
C GLY D 184 2.46 9.65 33.75
N LEU D 185 2.98 9.93 34.94
CA LEU D 185 4.37 10.29 35.13
C LEU D 185 4.74 9.62 36.46
N TYR D 186 5.75 8.75 36.42
CA TYR D 186 6.15 7.96 37.57
C TYR D 186 7.71 7.99 37.74
N PHE D 187 8.18 8.21 38.96
CA PHE D 187 9.62 8.13 39.26
C PHE D 187 9.88 6.88 40.14
N TYR D 188 10.91 6.12 39.82
CA TYR D 188 11.17 4.83 40.48
C TYR D 188 12.64 4.71 40.85
N ASP D 189 12.88 3.86 41.84
CA ASP D 189 14.23 3.51 42.26
C ASP D 189 14.56 2.15 41.65
N GLN D 190 15.58 1.49 42.21
CA GLN D 190 16.14 0.27 41.64
C GLN D 190 15.33 -0.96 41.93
N GLN D 191 14.24 -0.81 42.65
CA GLN D 191 13.35 -1.92 42.84
C GLN D 191 12.38 -2.17 41.66
N VAL D 192 12.17 -1.21 40.76
CA VAL D 192 11.01 -1.32 39.85
C VAL D 192 11.09 -2.55 38.91
N VAL D 193 12.27 -2.89 38.37
CA VAL D 193 12.41 -4.07 37.47
C VAL D 193 12.03 -5.41 38.14
N ASP D 194 12.53 -5.64 39.34
CA ASP D 194 12.18 -6.86 40.13
C ASP D 194 10.71 -6.89 40.52
N ILE D 195 10.14 -5.73 40.83
CA ILE D 195 8.72 -5.66 41.17
C ILE D 195 7.90 -6.02 39.93
N ALA D 196 8.36 -5.55 38.76
CA ALA D 196 7.71 -5.84 37.48
C ALA D 196 7.79 -7.34 37.11
N ARG D 197 8.95 -7.93 37.40
CA ARG D 197 9.24 -9.32 37.08
C ARG D 197 8.39 -10.30 37.88
N ASP D 198 8.00 -9.92 39.11
CA ASP D 198 7.16 -10.76 39.99
C ASP D 198 5.64 -10.56 39.85
N LEU D 199 5.21 -9.64 38.99
CA LEU D 199 3.78 -9.39 38.82
C LEU D 199 3.11 -10.45 37.97
N LYS D 200 1.99 -10.95 38.49
CA LYS D 200 1.01 -11.75 37.74
C LYS D 200 0.10 -10.81 36.92
N PRO D 201 -0.40 -11.26 35.75
CA PRO D 201 -1.42 -10.42 35.08
C PRO D 201 -2.75 -10.24 35.83
N SER D 202 -3.43 -9.12 35.55
CA SER D 202 -4.78 -8.85 36.07
C SER D 202 -5.84 -9.71 35.33
N PRO D 203 -7.12 -9.65 35.80
CA PRO D 203 -8.28 -10.16 35.03
C PRO D 203 -8.36 -9.69 33.56
N ARG D 204 -7.95 -8.46 33.28
CA ARG D 204 -7.85 -7.95 31.89
C ARG D 204 -6.90 -8.74 30.98
N GLY D 205 -5.76 -9.16 31.53
CA GLY D 205 -4.61 -9.68 30.77
C GLY D 205 -3.53 -8.61 30.58
N GLU D 206 -3.35 -7.77 31.60
CA GLU D 206 -2.51 -6.57 31.54
C GLU D 206 -1.59 -6.48 32.77
N LEU D 207 -0.29 -6.29 32.55
CA LEU D 207 0.65 -6.02 33.65
C LEU D 207 0.50 -4.56 34.03
N GLU D 208 -0.21 -4.32 35.12
CA GLU D 208 -0.70 -2.98 35.44
C GLU D 208 0.38 -2.13 36.10
N ILE D 209 0.43 -0.84 35.73
CA ILE D 209 1.30 0.17 36.40
C ILE D 209 0.83 0.41 37.84
N THR D 210 -0.48 0.40 38.08
CA THR D 210 -1.04 0.51 39.47
C THR D 210 -0.63 -0.66 40.42
N ASP D 211 -0.36 -1.84 39.86
CA ASP D 211 0.13 -2.98 40.64
C ASP D 211 1.56 -2.72 41.08
N VAL D 212 2.36 -2.09 40.21
CA VAL D 212 3.71 -1.66 40.56
C VAL D 212 3.67 -0.63 41.68
N ASN D 213 2.78 0.35 41.57
CA ASN D 213 2.70 1.40 42.58
C ASN D 213 2.10 0.90 43.88
N ARG D 214 1.18 -0.06 43.79
CA ARG D 214 0.66 -0.71 45.00
C ARG D 214 1.77 -1.43 45.77
N ALA D 215 2.67 -2.09 45.03
CA ALA D 215 3.82 -2.74 45.65
C ALA D 215 4.72 -1.78 46.44
N TYR D 216 4.94 -0.55 45.95
CA TYR D 216 5.71 0.46 46.71
C TYR D 216 4.86 0.97 47.86
N LEU D 217 3.56 1.16 47.61
CA LEU D 217 2.65 1.66 48.65
C LEU D 217 2.60 0.68 49.84
N GLU D 218 2.38 -0.61 49.57
CA GLU D 218 2.40 -1.65 50.62
C GLU D 218 3.75 -1.80 51.36
N ARG D 219 4.86 -1.45 50.70
CA ARG D 219 6.17 -1.35 51.36
C ARG D 219 6.33 -0.03 52.15
N GLY D 220 5.33 0.86 52.08
CA GLY D 220 5.46 2.22 52.65
C GLY D 220 6.47 3.11 51.95
N GLN D 221 6.70 2.89 50.65
CA GLN D 221 7.71 3.67 49.92
C GLN D 221 7.18 4.50 48.73
N LEU D 222 5.86 4.54 48.54
CA LEU D 222 5.26 5.39 47.52
C LEU D 222 4.96 6.79 48.07
N SER D 223 5.70 7.78 47.59
CA SER D 223 5.31 9.17 47.75
C SER D 223 4.24 9.54 46.68
N VAL D 224 3.14 10.12 47.12
CA VAL D 224 2.04 10.57 46.27
C VAL D 224 1.96 12.06 46.48
N GLU D 225 2.52 12.85 45.58
CA GLU D 225 2.42 14.30 45.72
C GLU D 225 1.19 14.85 44.98
N ILE D 226 0.55 15.88 45.53
CA ILE D 226 -0.60 16.50 44.88
C ILE D 226 -0.16 17.40 43.72
N MET D 227 -0.79 17.25 42.56
CA MET D 227 -0.54 18.15 41.45
C MET D 227 -1.73 19.05 41.51
N GLY D 228 -1.46 20.31 41.85
CA GLY D 228 -2.55 21.22 42.21
C GLY D 228 -3.39 21.58 40.99
N ARG D 229 -4.54 22.15 41.26
CA ARG D 229 -5.47 22.63 40.21
C ARG D 229 -4.92 23.75 39.31
N GLY D 230 -3.89 24.43 39.78
CA GLY D 230 -3.16 25.39 38.99
C GLY D 230 -2.32 24.80 37.88
N TYR D 231 -2.09 23.48 37.87
CA TYR D 231 -1.46 22.82 36.74
C TYR D 231 -2.53 22.31 35.82
N ALA D 232 -2.24 22.29 34.54
CA ALA D 232 -3.08 21.58 33.58
C ALA D 232 -2.41 20.25 33.27
N TRP D 233 -3.15 19.17 33.48
CA TRP D 233 -2.74 17.85 33.03
C TRP D 233 -3.82 17.39 32.05
N LEU D 234 -3.43 17.19 30.79
CA LEU D 234 -4.36 16.73 29.78
C LEU D 234 -3.84 15.41 29.26
N ASP D 235 -4.78 14.52 28.89
CA ASP D 235 -4.43 13.39 27.98
C ASP D 235 -5.17 13.46 26.64
N THR D 236 -4.53 12.86 25.65
CA THR D 236 -4.76 13.09 24.26
C THR D 236 -4.98 11.75 23.62
N GLY D 237 -5.91 10.98 24.20
CA GLY D 237 -6.21 9.61 23.78
C GLY D 237 -7.43 9.40 22.87
N THR D 238 -8.33 10.38 22.82
CA THR D 238 -9.50 10.38 21.92
C THR D 238 -9.42 11.57 20.99
N HIS D 239 -10.19 11.56 19.90
CA HIS D 239 -10.20 12.67 18.94
C HIS D 239 -10.65 13.95 19.61
N ASP D 240 -11.58 13.83 20.56
CA ASP D 240 -12.04 15.00 21.35
C ASP D 240 -10.95 15.65 22.24
N SER D 241 -10.27 14.86 23.03
CA SER D 241 -9.29 15.42 23.93
C SER D 241 -8.07 15.89 23.14
N LEU D 242 -7.79 15.28 22.00
CA LEU D 242 -6.70 15.73 21.16
C LEU D 242 -6.94 17.15 20.64
N LEU D 243 -8.17 17.38 20.18
CA LEU D 243 -8.61 18.67 19.74
C LEU D 243 -8.58 19.70 20.86
N GLU D 244 -9.08 19.31 22.03
CA GLU D 244 -9.10 20.19 23.19
C GLU D 244 -7.72 20.62 23.57
N ALA D 245 -6.81 19.65 23.60
CA ALA D 245 -5.46 19.90 24.02
C ALA D 245 -4.75 20.85 23.02
N GLY D 246 -5.12 20.74 21.77
CA GLY D 246 -4.56 21.61 20.72
C GLY D 246 -5.06 23.05 20.82
N GLN D 247 -6.34 23.24 21.10
CA GLN D 247 -6.86 24.61 21.36
C GLN D 247 -6.21 25.25 22.55
N PHE D 248 -5.98 24.42 23.57
CA PHE D 248 -5.34 24.82 24.80
C PHE D 248 -3.93 25.36 24.61
N ILE D 249 -3.08 24.58 23.94
CA ILE D 249 -1.70 24.98 23.68
C ILE D 249 -1.67 26.18 22.75
N ALA D 250 -2.55 26.20 21.75
CA ALA D 250 -2.61 27.30 20.81
C ALA D 250 -2.99 28.64 21.48
N THR D 251 -4.03 28.63 22.30
CA THR D 251 -4.37 29.76 23.23
C THR D 251 -3.16 30.27 24.04
N LEU D 252 -2.39 29.40 24.67
CA LEU D 252 -1.27 29.84 25.48
C LEU D 252 -0.15 30.46 24.60
N GLU D 253 0.16 29.75 23.53
CA GLU D 253 1.23 30.12 22.62
C GLU D 253 0.94 31.41 21.86
N ASN D 254 -0.26 31.58 21.31
CA ASN D 254 -0.61 32.85 20.62
C ASN D 254 -0.69 34.08 21.54
N ARG D 255 -1.07 33.83 22.80
CA ARG D 255 -1.08 34.86 23.80
C ARG D 255 0.35 35.28 24.15
N GLN D 256 1.22 34.32 24.47
CA GLN D 256 2.55 34.64 25.04
C GLN D 256 3.65 34.93 24.04
N GLY D 257 3.49 34.49 22.79
CA GLY D 257 4.61 34.36 21.86
C GLY D 257 5.70 33.44 22.38
N LEU D 258 5.35 32.46 23.22
CA LEU D 258 6.32 31.50 23.77
C LEU D 258 5.74 30.12 23.52
N LYS D 259 6.60 29.11 23.38
CA LYS D 259 6.13 27.79 23.08
C LYS D 259 6.03 26.90 24.31
N VAL D 260 5.07 25.99 24.30
CA VAL D 260 5.03 24.94 25.31
C VAL D 260 5.67 23.69 24.73
N ALA D 261 6.68 23.15 25.42
CA ALA D 261 7.28 21.84 25.06
C ALA D 261 8.00 21.91 23.70
N CYS D 262 8.86 22.91 23.59
CA CYS D 262 9.76 23.04 22.46
C CYS D 262 11.08 22.42 22.94
N PRO D 263 11.38 21.19 22.48
CA PRO D 263 12.60 20.53 23.02
C PRO D 263 13.92 21.26 22.75
N GLU D 264 14.00 21.96 21.63
CA GLU D 264 15.18 22.73 21.29
C GLU D 264 15.40 23.85 22.35
N GLU D 265 14.33 24.57 22.68
CA GLU D 265 14.38 25.58 23.72
C GLU D 265 14.83 24.97 25.05
N ILE D 266 14.25 23.85 25.43
CA ILE D 266 14.55 23.23 26.72
C ILE D 266 15.99 22.76 26.78
N ALA D 267 16.47 22.14 25.71
CA ALA D 267 17.88 21.74 25.64
C ALA D 267 18.79 22.95 25.84
N TYR D 268 18.49 24.02 25.13
CA TYR D 268 19.28 25.26 25.21
C TYR D 268 19.32 25.80 26.64
N ARG D 269 18.14 25.90 27.27
CA ARG D 269 18.06 26.44 28.62
C ARG D 269 18.66 25.55 29.66
N GLN D 270 18.67 24.23 29.43
CA GLN D 270 19.36 23.31 30.33
C GLN D 270 20.90 23.28 30.05
N LYS D 271 21.31 23.96 28.98
CA LYS D 271 22.70 24.15 28.52
C LYS D 271 23.24 22.86 27.90
N TRP D 272 22.34 22.00 27.43
CA TRP D 272 22.69 20.73 26.80
C TRP D 272 23.14 20.96 25.37
N ILE D 273 22.65 22.04 24.75
CA ILE D 273 23.16 22.53 23.50
C ILE D 273 23.49 24.01 23.72
N ASP D 274 24.39 24.55 22.90
CA ASP D 274 24.79 25.96 23.05
C ASP D 274 24.18 26.76 21.94
N ALA D 275 24.46 28.08 21.93
CA ALA D 275 23.89 29.02 21.00
C ALA D 275 24.14 28.61 19.59
N ALA D 276 25.35 28.17 19.30
CA ALA D 276 25.71 27.77 17.94
C ALA D 276 24.96 26.52 17.48
N GLN D 277 24.66 25.59 18.38
CA GLN D 277 23.84 24.45 17.95
C GLN D 277 22.38 24.84 17.66
N LEU D 278 21.79 25.62 18.56
CA LEU D 278 20.44 26.16 18.34
C LEU D 278 20.30 26.87 17.03
N GLU D 279 21.35 27.63 16.66
CA GLU D 279 21.34 28.34 15.39
C GLU D 279 21.33 27.36 14.22
N LYS D 280 22.06 26.27 14.32
CA LYS D 280 22.06 25.25 13.27
C LYS D 280 20.67 24.61 13.14
N LEU D 281 20.07 24.21 14.27
CA LEU D 281 18.70 23.64 14.25
C LEU D 281 17.63 24.59 13.71
N ALA D 282 17.83 25.89 13.94
CA ALA D 282 16.91 26.91 13.43
C ALA D 282 16.91 27.01 11.91
N ALA D 283 18.09 26.88 11.30
CA ALA D 283 18.28 27.10 9.87
C ALA D 283 17.33 26.34 8.94
N PRO D 284 17.27 25.00 9.02
CA PRO D 284 16.33 24.33 8.07
C PRO D 284 14.89 24.82 8.22
N LEU D 285 14.55 25.23 9.45
CA LEU D 285 13.22 25.67 9.81
C LEU D 285 12.99 27.13 9.63
N ALA D 286 13.92 27.84 8.99
CA ALA D 286 13.91 29.31 9.00
C ALA D 286 12.64 29.93 8.43
N LYS D 287 12.04 29.30 7.41
CA LYS D 287 10.87 29.85 6.73
C LYS D 287 9.50 29.47 7.34
N ASN D 288 9.47 29.02 8.61
CA ASN D 288 8.19 28.97 9.37
C ASN D 288 8.31 29.66 10.72
N GLY D 289 7.17 29.81 11.39
CA GLY D 289 7.12 30.33 12.75
C GLY D 289 8.03 29.65 13.76
N TYR D 290 8.26 28.34 13.63
CA TYR D 290 9.06 27.59 14.62
C TYR D 290 10.56 27.91 14.57
N GLY D 291 11.19 27.76 13.41
CA GLY D 291 12.55 28.26 13.20
C GLY D 291 12.71 29.76 13.53
N GLN D 292 11.74 30.58 13.14
CA GLN D 292 11.76 31.98 13.51
C GLN D 292 11.86 32.14 15.04
N TYR D 293 11.11 31.33 15.79
CA TYR D 293 11.11 31.37 17.25
C TYR D 293 12.45 30.91 17.84
N LEU D 294 13.06 29.89 17.26
CA LEU D 294 14.39 29.40 17.69
C LEU D 294 15.48 30.45 17.46
N LYS D 295 15.40 31.08 16.30
CA LYS D 295 16.27 32.20 15.97
C LYS D 295 16.10 33.30 17.04
N ARG D 296 14.84 33.61 17.35
CA ARG D 296 14.52 34.67 18.31
C ARG D 296 15.06 34.35 19.68
N LEU D 297 15.08 33.09 20.07
CA LEU D 297 15.60 32.70 21.38
C LEU D 297 17.09 33.04 21.60
N LEU D 298 17.87 33.14 20.53
CA LEU D 298 19.29 33.53 20.62
C LEU D 298 19.52 34.96 21.13
N THR D 299 18.60 35.87 20.79
CA THR D 299 18.74 37.30 21.04
C THR D 299 17.87 37.84 22.18
N GLU D 300 16.84 37.10 22.59
CA GLU D 300 15.86 37.62 23.59
C GLU D 300 16.05 37.00 24.98
N THR D 301 15.95 37.84 26.00
CA THR D 301 15.96 37.38 27.38
C THR D 301 14.54 37.00 27.76
N VAL D 302 14.32 35.71 28.08
CA VAL D 302 13.03 35.20 28.53
C VAL D 302 13.14 34.80 29.98
N TYR D 303 12.39 35.49 30.85
CA TYR D 303 12.41 35.24 32.28
C TYR D 303 11.58 34.01 32.66
BR P3I E . 17.46 -24.17 8.90
BR P3I E . 15.01 -25.14 11.12
CAY P3I E . 16.13 -22.96 9.25
CAY P3I E . 14.66 -23.54 10.12
CAZ P3I E . 16.48 -21.89 10.08
CAZ P3I E . 14.94 -22.38 10.86
CBA P3I E . 15.53 -20.93 10.39
CBA P3I E . 14.77 -21.14 10.32
CAX P3I E . 14.26 -21.05 9.86
CAX P3I E . 14.29 -21.04 9.02
CAW P3I E . 13.91 -22.11 9.03
CAW P3I E . 14.00 -22.15 8.26
CAV P3I E . 14.84 -23.07 8.69
CAV P3I E . 14.17 -23.43 8.78
CAU P3I E . 14.48 -24.16 7.86
CAU P3I E . 13.84 -24.51 7.89
NAQ P3I E . 13.93 -23.80 6.52
NAQ P3I E . 13.61 -24.01 6.46
CAR P3I E . 14.75 -23.97 5.45
CAR P3I E . 14.55 -24.17 5.46
NAS P3I E . 15.99 -24.43 5.65
NAS P3I E . 15.71 -24.78 5.70
CAP P3I E . 12.66 -23.35 6.35
CAP P3I E . 12.44 -23.39 6.18
OAO P3I E . 11.90 -23.20 7.32
OAO P3I E . 11.60 -23.23 7.07
NAG P3I E . 12.19 -23.03 5.06
NAG P3I E . 12.17 -22.89 4.90
CAH P3I E . 13.04 -23.18 3.94
CAH P3I E . 13.11 -23.03 3.87
OAA P3I E . 12.63 -22.88 2.82
OAA P3I E . 12.86 -22.59 2.74
CAI P3I E . 14.32 -23.67 4.15
NAJ P3I E . 15.20 -23.85 3.08
CAB P3I E . 14.81 -24.91 2.07
SAK P3I E . 16.59 -22.75 2.79
OAT P3I E . 17.43 -22.62 4.09
OAC P3I E . 17.46 -23.19 1.61
CAL P3I E . 15.74 -21.19 2.20
CAM P3I E . 15.56 -20.95 0.83
CAN P3I E . 14.93 -19.81 0.37
CAF P3I E . 14.46 -18.88 1.27
CAE P3I E . 14.63 -19.10 2.63
CAD P3I E . 15.26 -20.25 3.11
O1 MES F . 37.66 -19.54 -1.41
C2 MES F . 37.82 -18.73 -2.57
C3 MES F . 37.26 -17.34 -2.31
N4 MES F . 37.57 -16.78 -0.96
C5 MES F . 38.68 -17.54 -0.29
C6 MES F . 38.41 -19.07 -0.28
C7 MES F . 37.83 -15.29 -1.08
C8 MES F . 38.19 -14.54 0.22
S MES F . 38.13 -12.85 0.05
O1S MES F . 39.12 -12.28 1.01
O2S MES F . 36.77 -12.42 0.45
O3S MES F . 38.45 -12.37 -1.33
CL CL G . 19.19 -28.51 5.51
BR P3I H . -26.52 13.79 -1.00
BR P3I H . -27.60 10.88 -0.09
CAY P3I H . -25.35 12.36 -1.14
CAY P3I H . -25.80 10.91 -0.40
CAZ P3I H . -25.08 11.88 -2.42
CAZ P3I H . -25.43 10.36 -1.62
CBA P3I H . -24.21 10.83 -2.59
CBA P3I H . -24.09 10.33 -1.95
CAX P3I H . -23.61 10.25 -1.46
CAX P3I H . -23.15 10.81 -1.05
CAW P3I H . -23.86 10.74 -0.17
CAW P3I H . -23.51 11.37 0.16
CAV P3I H . -24.74 11.80 -0.01
CAV P3I H . -24.84 11.41 0.51
CAU P3I H . -25.03 12.29 1.28
CAU P3I H . -25.12 11.98 1.76
NAQ P3I H . -23.80 12.71 2.00
NAQ P3I H . -23.85 12.57 2.33
CAR P3I H . -23.58 14.03 2.22
CAR P3I H . -23.66 13.92 2.43
NAS P3I H . -24.46 14.92 1.77
NAS P3I H . -24.64 14.76 2.04
CAP P3I H . -22.95 11.77 2.46
CAP P3I H . -22.88 11.72 2.71
OAO P3I H . -23.21 10.58 2.27
OAO P3I H . -23.06 10.51 2.63
NAG P3I H . -21.79 12.16 3.16
NAG P3I H . -21.67 12.20 3.24
CAH P3I H . -21.50 13.52 3.39
CAH P3I H . -21.44 13.58 3.36
OAA P3I H . -20.48 13.84 3.98
OAA P3I H . -20.35 13.97 3.81
CAI P3I H . -22.43 14.46 2.92
NAJ P3I H . -22.22 15.81 3.13
CAB P3I H . -22.36 16.29 4.56
SAK P3I H . -21.62 16.93 1.89
OAT P3I H . -22.48 16.70 0.64
OAC P3I H . -21.68 18.38 2.40
CAL P3I H . -19.86 16.49 1.66
CAM P3I H . -18.87 17.17 2.35
CAN P3I H . -17.53 16.81 2.16
CAF P3I H . -17.17 15.80 1.28
CAE P3I H . -18.18 15.12 0.59
CAD P3I H . -19.51 15.47 0.79
O1 MES I . -23.77 34.94 -10.46
C2 MES I . -22.46 35.51 -10.62
C3 MES I . -21.53 34.69 -11.52
N4 MES I . -22.13 34.00 -12.73
C5 MES I . -23.60 34.16 -12.76
C6 MES I . -24.14 33.88 -11.35
C7 MES I . -21.52 34.45 -14.02
C8 MES I . -21.69 33.45 -15.17
S MES I . -20.28 33.04 -15.98
O1S MES I . -19.10 33.89 -15.61
O2S MES I . -20.54 33.17 -17.44
O3S MES I . -20.02 31.62 -15.63
CL CL J . -28.30 18.07 2.69
BR P3I K . -5.19 -21.16 -39.22
BR P3I K . -3.22 -19.14 -41.13
CAY P3I K . -5.19 -19.34 -38.79
CAY P3I K . -4.15 -18.32 -39.71
CAZ P3I K . -6.31 -18.58 -39.13
CAZ P3I K . -5.21 -17.50 -40.11
CBA P3I K . -6.35 -17.24 -38.83
CBA P3I K . -5.96 -16.83 -39.16
CAX P3I K . -5.26 -16.65 -38.18
CAX P3I K . -5.64 -17.01 -37.82
CAW P3I K . -4.14 -17.39 -37.84
CAW P3I K . -4.59 -17.82 -37.41
CAV P3I K . -4.10 -18.75 -38.13
CAV P3I K . -3.82 -18.49 -38.35
CAU P3I K . -2.98 -19.53 -37.82
CAU P3I K . -2.74 -19.34 -37.93
NAQ P3I K . -2.60 -19.50 -36.39
NAQ P3I K . -2.49 -19.44 -36.43
CAR P3I K . -2.75 -20.65 -35.70
CAR P3I K . -2.66 -20.62 -35.75
NAS P3I K . -3.23 -21.75 -36.32
NAS P3I K . -3.07 -21.72 -36.41
CAP P3I K . -2.11 -18.38 -35.80
CAP P3I K . -2.06 -18.34 -35.77
OAO P3I K . -1.98 -17.34 -36.43
OAO P3I K . -1.90 -17.27 -36.36
NAG P3I K . -1.78 -18.41 -34.45
NAG P3I K . -1.82 -18.40 -34.40
CAH P3I K . -1.92 -19.58 -33.70
CAH P3I K . -1.97 -19.58 -33.68
OAA P3I K . -1.61 -19.59 -32.52
OAA P3I K . -1.74 -19.58 -32.47
CAI P3I K . -2.41 -20.71 -34.34
NAJ P3I K . -2.54 -21.87 -33.63
CAB P3I K . -1.29 -22.59 -33.11
SAK P3I K . -4.07 -22.35 -33.17
OAT P3I K . -5.07 -22.24 -34.34
OAC P3I K . -4.14 -23.80 -32.64
CAL P3I K . -4.59 -21.25 -31.83
CAM P3I K . -4.62 -21.68 -30.50
CAN P3I K . -5.05 -20.79 -29.49
CAF P3I K . -5.45 -19.50 -29.83
CAE P3I K . -5.44 -19.09 -31.17
CAD P3I K . -5.00 -19.96 -32.18
O1 MES L . -19.53 -38.45 -31.99
C2 MES L . -20.02 -38.82 -30.70
C3 MES L . -20.83 -37.70 -30.04
N4 MES L . -21.37 -36.59 -30.89
C5 MES L . -21.04 -36.63 -32.36
C6 MES L . -20.58 -38.00 -32.85
C7 MES L . -22.85 -36.41 -30.69
C8 MES L . -23.23 -34.92 -30.64
S MES L . -24.87 -34.61 -30.53
O1S MES L . -25.31 -34.86 -29.14
O2S MES L . -25.65 -35.54 -31.39
O3S MES L . -25.04 -33.20 -30.99
CL CL M . -2.40 -26.22 -38.30
BR P3I N . 11.63 27.02 34.23
BR P3I N . 13.71 28.74 32.33
CAY P3I N . 12.54 26.08 32.82
CAY P3I N . 13.53 26.97 31.71
CAZ P3I N . 13.59 25.23 33.17
CAZ P3I N . 14.60 26.15 32.01
CBA P3I N . 14.27 24.52 32.20
CBA P3I N . 14.61 24.82 31.62
CAX P3I N . 13.93 24.66 30.86
CAX P3I N . 13.53 24.33 30.90
CAW P3I N . 12.88 25.51 30.49
CAW P3I N . 12.44 25.15 30.59
CAV P3I N . 12.18 26.22 31.46
CAV P3I N . 12.42 26.48 30.98
CAU P3I N . 11.14 27.07 31.06
CAU P3I N . 11.28 27.27 30.64
NAQ P3I N . 10.13 26.42 30.16
NAQ P3I N . 10.16 26.50 29.97
CAR P3I N . 8.88 26.19 30.63
CAR P3I N . 8.91 26.32 30.52
NAS P3I N . 8.56 26.55 31.89
NAS P3I N . 8.62 26.80 31.74
CAP P3I N . 10.48 26.08 28.92
CAP P3I N . 10.44 26.01 28.75
OAO P3I N . 11.63 26.31 28.53
OAO P3I N . 11.56 26.21 28.29
NAG P3I N . 9.54 25.47 28.07
NAG P3I N . 9.48 25.29 28.03
CAH P3I N . 8.23 25.21 28.52
CAH P3I N . 8.20 25.06 28.57
OAA P3I N . 7.41 24.67 27.77
OAA P3I N . 7.37 24.41 27.91
CAI P3I N . 7.90 25.58 29.83
NAJ P3I N . 6.61 25.36 30.33
CAB P3I N . 5.48 26.17 29.77
SAK P3I N . 6.31 24.11 31.45
OAT P3I N . 7.42 24.17 32.52
OAC P3I N . 4.92 24.12 32.09
CAL P3I N . 6.45 22.62 30.42
CAM P3I N . 5.30 22.11 29.80
CAN P3I N . 5.38 21.00 28.98
CAF P3I N . 6.60 20.36 28.78
CAE P3I N . 7.75 20.86 29.41
CAD P3I N . 7.68 22.00 30.22
O1 MES O . -1.85 16.35 50.73
C2 MES O . -0.48 16.56 50.37
C3 MES O . 0.45 15.39 50.77
N4 MES O . -0.21 14.06 50.95
C5 MES O . -1.41 13.97 50.08
C6 MES O . -2.43 15.06 50.43
C7 MES O . 0.78 12.98 50.61
C8 MES O . 0.49 11.62 51.27
S MES O . 1.61 10.39 51.02
O1S MES O . 2.94 10.87 50.52
O2S MES O . 1.06 9.36 50.13
O3S MES O . 1.87 9.78 52.34
CL CL P . 6.59 29.74 35.15
#